data_8CN7
#
_entry.id   8CN7
#
_cell.length_a   71.001
_cell.length_b   64.779
_cell.length_c   84.586
_cell.angle_alpha   90.00
_cell.angle_beta   106.30
_cell.angle_gamma   90.00
#
_symmetry.space_group_name_H-M   'P 1 21 1'
#
loop_
_entity.id
_entity.type
_entity.pdbx_description
1 polymer '3-oxoacyl-[acyl-carrier-protein] synthase 2'
2 non-polymer 'DIMETHYL SULFOXIDE'
3 non-polymer '2,4-dihydroxy-3-({3-[(2S,4aS,8S,8aR)-8-methyl-3-methylidene-7-oxo-1,3,4,7,8,8a-hexahydro-2H-2,4a-ethanonaphthalen-8-yl]propanoyl}amino)benzoic acid'
4 water water
#
_entity_poly.entity_id   1
_entity_poly.type   'polypeptide(L)'
_entity_poly.pdbx_seq_one_letter_code
;SRRRVVITGMGMLSPLGLDVPSSWEGILAGRSGIAPIEHMDLSAYSTRFGGSVKGFNVEEYLSAKEARKLDLFIQYGLAA
SFQAVRDSGLEVTDANRERIGVSMGSGIGGLTNIENNCRSLFEQGPRRISPFFVPGSIINMVSGFLSIHLGLQGPNYALT
TAQTTGTHSIGMAARNIAYGEADVMVAGGSEMAACGLGLGGFGAARALSTRNDEPTRASRPWDRDRDGFVLSDGSGALVL
EELEHARARGARIYAELVGFGMSGDAFHMTAPPEDGAGAARCMKNALRDAGLDPRQVDYINAHGTSTPAGDIAEIAAVKS
VFGEHAHALSMSSTKSMTGHLLGAAGAVEAIFSVLALRDQVAPPTINLDNPDEGCDLDLVAHEAKPRKIDVALSNSFGFG
GTNGTLVFRRFA
;
_entity_poly.pdbx_strand_id   A,B
#
loop_
_chem_comp.id
_chem_comp.type
_chem_comp.name
_chem_comp.formula
DMS non-polymer 'DIMETHYL SULFOXIDE' 'C2 H6 O S'
N32 non-polymer '2,4-dihydroxy-3-({3-[(2S,4aS,8S,8aR)-8-methyl-3-methylidene-7-oxo-1,3,4,7,8,8a-hexahydro-2H-2,4a-ethanonaphthalen-8-yl]propanoyl}amino)benzoic acid' 'C24 H27 N O6'
#
# COMPACT_ATOMS: atom_id res chain seq x y z
N SER A 1 14.05 -15.28 -17.82
CA SER A 1 15.06 -15.09 -16.74
C SER A 1 14.37 -14.94 -15.37
N ARG A 2 13.11 -15.38 -15.20
CA ARG A 2 12.43 -15.42 -13.89
C ARG A 2 13.24 -16.29 -12.91
N ARG A 3 13.65 -15.73 -11.76
CA ARG A 3 14.50 -16.47 -10.79
C ARG A 3 13.63 -17.09 -9.70
N ARG A 4 14.17 -18.11 -9.04
CA ARG A 4 13.48 -18.85 -7.96
C ARG A 4 13.70 -18.15 -6.61
N VAL A 5 12.73 -18.28 -5.69
CA VAL A 5 12.64 -17.48 -4.43
C VAL A 5 12.34 -18.42 -3.27
N VAL A 6 13.15 -18.32 -2.22
CA VAL A 6 13.05 -19.22 -1.06
C VAL A 6 12.92 -18.35 0.17
N ILE A 7 12.46 -18.98 1.25
CA ILE A 7 12.31 -18.37 2.60
C ILE A 7 13.50 -18.84 3.46
N THR A 8 14.26 -17.88 3.97
CA THR A 8 15.53 -18.09 4.71
C THR A 8 15.39 -17.53 6.12
N GLY A 9 14.29 -16.82 6.42
CA GLY A 9 14.06 -16.19 7.74
C GLY A 9 12.60 -15.82 7.98
N MET A 10 12.14 -15.95 9.22
CA MET A 10 10.74 -15.72 9.64
C MET A 10 10.74 -15.13 11.04
N GLY A 11 9.74 -14.29 11.32
CA GLY A 11 9.57 -13.54 12.57
C GLY A 11 8.11 -13.23 12.78
N MET A 12 7.70 -13.15 14.04
CA MET A 12 6.26 -12.99 14.32
C MET A 12 5.94 -12.55 15.74
N LEU A 13 4.92 -11.73 15.88
CA LEU A 13 4.34 -11.42 17.19
C LEU A 13 2.87 -11.81 16.99
N SER A 14 2.32 -12.65 17.86
CA SER A 14 0.93 -13.13 17.70
C SER A 14 0.25 -13.27 19.06
N PRO A 15 -1.10 -13.38 19.13
CA PRO A 15 -1.76 -13.66 20.40
C PRO A 15 -1.35 -15.00 21.03
N LEU A 16 -0.55 -15.81 20.34
CA LEU A 16 -0.07 -17.11 20.88
C LEU A 16 1.40 -17.02 21.24
N GLY A 17 2.14 -15.96 20.89
CA GLY A 17 3.58 -15.95 21.13
C GLY A 17 4.27 -14.71 20.61
N LEU A 18 5.40 -14.39 21.26
CA LEU A 18 6.28 -13.22 20.98
C LEU A 18 7.37 -13.62 20.01
N ASP A 19 7.34 -14.86 19.52
CA ASP A 19 8.18 -15.29 18.37
C ASP A 19 7.51 -16.42 17.57
N VAL A 20 8.18 -16.87 16.52
CA VAL A 20 7.71 -17.99 15.67
C VAL A 20 7.59 -19.28 16.49
N PRO A 21 8.66 -19.78 17.17
N PRO A 21 8.67 -19.81 17.12
CA PRO A 21 8.58 -21.09 17.82
CA PRO A 21 8.58 -21.11 17.83
C PRO A 21 7.54 -21.18 18.94
C PRO A 21 7.50 -21.16 18.91
N SER A 22 7.40 -20.13 19.76
CA SER A 22 6.33 -20.03 20.80
C SER A 22 4.94 -20.03 20.13
N SER A 23 4.72 -19.22 19.10
CA SER A 23 3.43 -19.17 18.37
C SER A 23 3.10 -20.53 17.73
N TRP A 24 4.08 -21.19 17.10
CA TRP A 24 3.89 -22.49 16.39
C TRP A 24 3.51 -23.58 17.39
N GLU A 25 4.13 -23.59 18.57
CA GLU A 25 3.79 -24.54 19.65
C GLU A 25 2.32 -24.33 20.03
N GLY A 26 1.91 -23.08 20.17
CA GLY A 26 0.49 -22.77 20.39
C GLY A 26 -0.40 -23.39 19.32
N ILE A 27 -0.04 -23.16 18.06
CA ILE A 27 -0.83 -23.63 16.87
C ILE A 27 -0.96 -25.16 16.96
N LEU A 28 0.13 -25.89 17.15
CA LEU A 28 0.09 -27.37 17.05
C LEU A 28 -0.62 -27.94 18.28
N ALA A 29 -0.69 -27.19 19.39
CA ALA A 29 -1.35 -27.62 20.64
C ALA A 29 -2.83 -27.21 20.63
N GLY A 30 -3.29 -26.48 19.62
CA GLY A 30 -4.67 -25.98 19.54
C GLY A 30 -4.99 -25.00 20.64
N ARG A 31 -4.04 -24.12 20.93
CA ARG A 31 -4.24 -23.08 21.97
C ARG A 31 -4.94 -21.85 21.41
N SER A 32 -5.89 -21.29 22.14
CA SER A 32 -6.57 -20.01 21.82
C SER A 32 -5.77 -18.86 22.44
N GLY A 33 -5.54 -17.78 21.69
CA GLY A 33 -4.96 -16.54 22.23
C GLY A 33 -6.03 -15.49 22.49
N ILE A 34 -7.31 -15.86 22.53
CA ILE A 34 -8.45 -14.91 22.64
C ILE A 34 -8.83 -14.78 24.12
N ALA A 35 -9.05 -13.54 24.58
CA ALA A 35 -9.29 -13.22 26.01
C ALA A 35 -10.01 -11.89 26.09
N PRO A 36 -10.78 -11.63 27.17
CA PRO A 36 -11.35 -10.30 27.39
C PRO A 36 -10.24 -9.24 27.32
N ILE A 37 -10.52 -8.12 26.63
CA ILE A 37 -9.52 -7.05 26.40
C ILE A 37 -9.26 -6.32 27.72
N GLU A 38 -8.00 -6.16 28.12
CA GLU A 38 -7.59 -5.60 29.44
C GLU A 38 -7.27 -4.10 29.33
N HIS A 39 -6.85 -3.60 28.16
CA HIS A 39 -6.20 -2.26 27.97
C HIS A 39 -7.23 -1.14 27.75
N MET A 40 -8.55 -1.39 27.80
CA MET A 40 -9.55 -0.30 27.84
C MET A 40 -10.88 -0.79 28.44
N ASP A 41 -11.80 0.13 28.70
CA ASP A 41 -13.16 -0.15 29.21
C ASP A 41 -14.12 -0.25 28.02
N LEU A 42 -14.58 -1.46 27.70
CA LEU A 42 -15.40 -1.74 26.49
C LEU A 42 -16.85 -2.05 26.89
N SER A 43 -17.30 -1.64 28.08
CA SER A 43 -18.68 -1.89 28.56
C SER A 43 -19.73 -1.33 27.57
N ALA A 44 -19.44 -0.25 26.84
CA ALA A 44 -20.34 0.34 25.81
C ALA A 44 -20.29 -0.43 24.48
N TYR A 45 -19.39 -1.42 24.34
CA TYR A 45 -19.13 -2.14 23.07
C TYR A 45 -19.83 -3.51 23.11
N SER A 46 -20.37 -3.94 21.96
CA SER A 46 -21.02 -5.26 21.79
C SER A 46 -19.96 -6.38 21.65
N THR A 47 -18.69 -6.05 21.35
CA THR A 47 -17.54 -7.01 21.38
C THR A 47 -16.45 -6.52 22.33
N ARG A 48 -16.10 -7.35 23.32
CA ARG A 48 -15.24 -6.95 24.46
C ARG A 48 -14.07 -7.91 24.64
N PHE A 49 -13.76 -8.72 23.63
CA PHE A 49 -12.62 -9.69 23.64
C PHE A 49 -11.87 -9.61 22.31
N GLY A 50 -10.71 -10.29 22.26
CA GLY A 50 -9.86 -10.35 21.07
C GLY A 50 -8.52 -10.99 21.37
N GLY A 51 -7.66 -11.03 20.34
CA GLY A 51 -6.27 -11.49 20.42
C GLY A 51 -5.33 -10.33 20.66
N SER A 52 -4.80 -10.17 21.86
CA SER A 52 -3.72 -9.20 22.16
C SER A 52 -2.40 -9.94 22.05
N VAL A 53 -1.35 -9.24 21.62
CA VAL A 53 0.06 -9.64 21.90
C VAL A 53 0.29 -9.45 23.40
N LYS A 54 0.61 -10.54 24.11
CA LYS A 54 0.70 -10.57 25.60
C LYS A 54 2.16 -10.52 26.01
N GLY A 55 2.52 -9.54 26.86
CA GLY A 55 3.87 -9.39 27.44
C GLY A 55 4.87 -8.85 26.42
N PHE A 56 4.43 -8.17 25.36
CA PHE A 56 5.35 -7.64 24.33
C PHE A 56 6.25 -6.60 24.95
N ASN A 57 7.57 -6.74 24.79
CA ASN A 57 8.57 -5.78 25.30
C ASN A 57 9.35 -5.19 24.13
N VAL A 58 8.90 -4.02 23.64
CA VAL A 58 9.52 -3.30 22.49
C VAL A 58 11.01 -3.02 22.76
N GLU A 59 11.41 -3.02 24.04
CA GLU A 59 12.79 -2.70 24.49
C GLU A 59 13.71 -3.89 24.25
N GLU A 60 13.17 -5.04 23.87
CA GLU A 60 14.02 -6.13 23.37
C GLU A 60 14.51 -5.77 21.98
N TYR A 61 14.10 -4.62 21.43
CA TYR A 61 14.36 -4.29 19.99
C TYR A 61 14.81 -2.83 19.81
N LEU A 62 14.15 -1.91 20.49
CA LEU A 62 14.28 -0.44 20.25
C LEU A 62 14.39 0.26 21.61
N SER A 63 15.07 1.39 21.65
CA SER A 63 15.13 2.25 22.87
C SER A 63 13.72 2.76 23.18
N ALA A 64 13.49 3.10 24.45
CA ALA A 64 12.24 3.72 24.95
C ALA A 64 11.96 5.01 24.17
N LYS A 65 12.99 5.80 23.90
CA LYS A 65 12.82 7.15 23.31
C LYS A 65 12.26 6.98 21.90
N GLU A 66 12.77 6.02 21.14
CA GLU A 66 12.27 5.74 19.77
C GLU A 66 10.88 5.14 19.85
N ALA A 67 10.69 4.14 20.70
CA ALA A 67 9.49 3.28 20.74
C ALA A 67 8.28 4.16 21.09
N ARG A 68 8.49 5.10 22.02
CA ARG A 68 7.45 6.04 22.51
C ARG A 68 6.82 6.78 21.33
N LYS A 69 7.52 6.97 20.23
CA LYS A 69 7.03 7.83 19.13
C LYS A 69 6.41 6.95 18.02
N LEU A 70 6.30 5.63 18.23
CA LEU A 70 5.86 4.69 17.17
C LEU A 70 4.55 4.05 17.62
N ASP A 71 3.54 4.05 16.73
CA ASP A 71 2.29 3.26 16.95
C ASP A 71 2.64 1.79 17.13
N LEU A 72 1.82 1.06 17.88
CA LEU A 72 2.04 -0.38 18.14
C LEU A 72 2.18 -1.18 16.83
N PHE A 73 1.51 -0.83 15.74
CA PHE A 73 1.61 -1.60 14.47
C PHE A 73 3.07 -1.50 13.97
N ILE A 74 3.71 -0.34 14.13
CA ILE A 74 5.12 -0.17 13.71
C ILE A 74 6.02 -0.97 14.66
N GLN A 75 5.80 -0.90 15.96
CA GLN A 75 6.58 -1.69 16.94
C GLN A 75 6.46 -3.19 16.62
N TYR A 76 5.25 -3.66 16.33
CA TYR A 76 4.99 -5.08 15.98
C TYR A 76 5.68 -5.44 14.66
N GLY A 77 5.60 -4.55 13.68
CA GLY A 77 6.19 -4.77 12.35
C GLY A 77 7.70 -4.83 12.42
N LEU A 78 8.32 -3.93 13.20
CA LEU A 78 9.80 -3.89 13.39
C LEU A 78 10.25 -5.12 14.17
N ALA A 79 9.57 -5.47 15.24
CA ALA A 79 9.93 -6.67 16.03
C ALA A 79 9.98 -7.89 15.11
N ALA A 80 8.91 -8.18 14.39
CA ALA A 80 8.84 -9.35 13.46
C ALA A 80 9.96 -9.26 12.42
N SER A 81 10.14 -8.09 11.79
CA SER A 81 11.18 -7.82 10.77
C SER A 81 12.55 -8.14 11.34
N PHE A 82 12.88 -7.59 12.53
CA PHE A 82 14.18 -7.83 13.18
C PHE A 82 14.34 -9.32 13.47
N GLN A 83 13.30 -9.99 13.94
CA GLN A 83 13.40 -11.45 14.18
C GLN A 83 13.75 -12.15 12.85
N ALA A 84 13.07 -11.82 11.76
CA ALA A 84 13.22 -12.54 10.48
C ALA A 84 14.66 -12.32 9.96
N VAL A 85 15.15 -11.10 10.04
CA VAL A 85 16.52 -10.79 9.54
C VAL A 85 17.56 -11.51 10.40
N ARG A 86 17.47 -11.48 11.73
CA ARG A 86 18.36 -12.27 12.62
C ARG A 86 18.26 -13.77 12.28
N ASP A 87 17.04 -14.31 12.14
CA ASP A 87 16.77 -15.73 11.78
C ASP A 87 17.43 -16.08 10.42
N SER A 88 17.53 -15.15 9.48
CA SER A 88 18.08 -15.42 8.13
C SER A 88 19.60 -15.60 8.20
N GLY A 89 20.26 -15.02 9.20
CA GLY A 89 21.72 -14.93 9.27
C GLY A 89 22.30 -13.97 8.22
N LEU A 90 21.49 -13.18 7.53
CA LEU A 90 21.99 -12.31 6.44
C LEU A 90 22.90 -11.23 7.05
N GLU A 91 24.00 -10.92 6.36
CA GLU A 91 24.85 -9.75 6.70
C GLU A 91 24.57 -8.66 5.67
N VAL A 92 24.13 -7.49 6.09
CA VAL A 92 23.94 -6.31 5.19
C VAL A 92 25.31 -5.63 5.01
N THR A 93 25.77 -5.41 3.77
CA THR A 93 27.09 -4.78 3.45
C THR A 93 26.92 -3.75 2.32
N ASP A 94 27.99 -3.01 2.00
CA ASP A 94 27.98 -2.01 0.89
C ASP A 94 27.83 -2.74 -0.44
N ALA A 95 28.24 -4.00 -0.48
CA ALA A 95 28.19 -4.83 -1.71
C ALA A 95 26.76 -5.34 -1.96
N ASN A 96 25.83 -5.33 -0.99
CA ASN A 96 24.48 -5.92 -1.19
C ASN A 96 23.33 -5.01 -0.73
N ARG A 97 23.57 -3.98 0.09
CA ARG A 97 22.46 -3.18 0.67
C ARG A 97 21.54 -2.63 -0.44
N GLU A 98 22.03 -2.38 -1.65
CA GLU A 98 21.17 -1.83 -2.73
C GLU A 98 20.31 -2.94 -3.34
N ARG A 99 20.53 -4.19 -2.96
CA ARG A 99 19.81 -5.37 -3.49
C ARG A 99 18.87 -5.93 -2.43
N ILE A 100 18.75 -5.26 -1.27
CA ILE A 100 17.87 -5.71 -0.15
C ILE A 100 16.80 -4.64 0.03
N GLY A 101 15.55 -5.04 -0.10
CA GLY A 101 14.43 -4.11 0.07
C GLY A 101 13.47 -4.60 1.13
N VAL A 102 12.41 -3.82 1.28
CA VAL A 102 11.34 -4.08 2.29
CA VAL A 102 11.35 -4.16 2.31
C VAL A 102 9.90 -3.73 1.83
N SER A 103 9.00 -4.65 2.08
CA SER A 103 7.56 -4.47 1.81
C SER A 103 6.79 -5.06 2.99
N MET A 104 6.65 -4.27 4.06
CA MET A 104 5.85 -4.62 5.25
C MET A 104 4.61 -3.71 5.20
N GLY A 105 3.43 -4.32 5.24
CA GLY A 105 2.17 -3.63 5.02
C GLY A 105 1.29 -3.65 6.23
N SER A 106 0.21 -2.89 6.15
CA SER A 106 -0.85 -2.89 7.17
C SER A 106 -2.20 -2.65 6.49
N GLY A 107 -3.28 -3.16 7.08
CA GLY A 107 -4.66 -2.91 6.61
C GLY A 107 -5.12 -1.49 6.91
N ILE A 108 -4.88 -0.99 8.12
CA ILE A 108 -5.29 0.39 8.49
C ILE A 108 -4.19 1.12 9.28
N GLY A 109 -3.08 0.48 9.62
CA GLY A 109 -1.94 1.16 10.26
C GLY A 109 -2.29 1.80 11.59
N GLY A 110 -2.04 3.10 11.71
CA GLY A 110 -1.79 3.77 13.01
C GLY A 110 -3.08 4.21 13.69
N LEU A 111 -4.04 3.30 13.89
CA LEU A 111 -5.41 3.69 14.30
C LEU A 111 -5.42 4.15 15.77
N THR A 112 -4.66 3.49 16.65
CA THR A 112 -4.55 3.85 18.09
C THR A 112 -3.96 5.26 18.19
N ASN A 113 -2.84 5.50 17.50
CA ASN A 113 -2.15 6.81 17.48
C ASN A 113 -3.14 7.86 16.99
N ILE A 114 -3.91 7.53 15.97
CA ILE A 114 -4.85 8.51 15.33
C ILE A 114 -5.93 8.85 16.35
N GLU A 115 -6.45 7.83 17.03
CA GLU A 115 -7.53 7.99 18.03
C GLU A 115 -7.01 8.86 19.18
N ASN A 116 -5.81 8.57 19.68
CA ASN A 116 -5.19 9.28 20.82
C ASN A 116 -4.96 10.75 20.41
N ASN A 117 -4.46 10.99 19.20
CA ASN A 117 -4.20 12.38 18.71
C ASN A 117 -5.52 13.11 18.48
N CYS A 118 -6.57 12.42 18.03
CA CYS A 118 -7.94 12.99 17.89
C CYS A 118 -8.46 13.49 19.23
N ARG A 119 -8.34 12.66 20.26
CA ARG A 119 -8.63 12.99 21.67
C ARG A 119 -7.92 14.33 21.98
N SER A 120 -6.61 14.42 21.73
CA SER A 120 -5.78 15.62 22.03
C SER A 120 -6.35 16.84 21.29
N LEU A 121 -6.69 16.65 20.01
CA LEU A 121 -7.23 17.69 19.11
C LEU A 121 -8.59 18.21 19.59
N PHE A 122 -9.46 17.35 20.14
CA PHE A 122 -10.88 17.68 20.44
C PHE A 122 -11.04 18.25 21.86
N GLU A 123 -10.17 17.86 22.79
CA GLU A 123 -10.20 18.26 24.22
C GLU A 123 -9.25 19.44 24.44
N GLN A 124 -8.07 19.44 23.82
CA GLN A 124 -6.98 20.40 24.14
C GLN A 124 -6.84 21.38 22.97
N GLY A 125 -6.55 20.89 21.76
CA GLY A 125 -6.45 21.71 20.54
C GLY A 125 -5.25 21.27 19.70
N PRO A 126 -5.10 21.84 18.48
CA PRO A 126 -4.04 21.42 17.54
C PRO A 126 -2.61 21.53 18.04
N ARG A 127 -2.31 22.39 19.02
CA ARG A 127 -0.93 22.55 19.56
C ARG A 127 -0.53 21.31 20.37
N ARG A 128 -1.47 20.42 20.73
CA ARG A 128 -1.12 19.17 21.48
C ARG A 128 -0.93 17.95 20.55
N ILE A 129 -1.03 18.13 19.23
CA ILE A 129 -0.79 17.00 18.28
C ILE A 129 0.70 16.71 18.29
N SER A 130 1.10 15.45 18.44
CA SER A 130 2.53 15.06 18.50
C SER A 130 3.25 15.46 17.21
N PRO A 131 4.47 16.03 17.30
CA PRO A 131 5.29 16.22 16.09
C PRO A 131 5.63 14.91 15.34
N PHE A 132 5.53 13.77 16.03
CA PHE A 132 5.88 12.43 15.47
C PHE A 132 4.62 11.70 14.97
N PHE A 133 3.45 12.37 14.98
CA PHE A 133 2.14 11.78 14.66
C PHE A 133 2.16 11.17 13.26
N VAL A 134 2.62 11.93 12.26
CA VAL A 134 2.63 11.49 10.84
C VAL A 134 3.65 10.37 10.63
N PRO A 135 4.96 10.53 10.94
CA PRO A 135 5.91 9.44 10.75
C PRO A 135 5.75 8.25 11.71
N GLY A 136 5.07 8.46 12.83
CA GLY A 136 4.83 7.38 13.81
C GLY A 136 3.52 6.63 13.61
N SER A 137 2.71 6.96 12.59
CA SER A 137 1.35 6.42 12.40
C SER A 137 1.07 5.93 10.96
N ILE A 138 1.79 6.40 9.94
CA ILE A 138 1.46 6.07 8.51
C ILE A 138 2.10 4.73 8.12
N ILE A 139 1.46 4.06 7.17
CA ILE A 139 1.59 2.59 6.96
C ILE A 139 2.99 2.22 6.46
N ASN A 140 3.60 3.06 5.63
CA ASN A 140 4.91 2.78 4.97
C ASN A 140 6.07 2.94 5.97
N MET A 141 5.82 3.32 7.22
CA MET A 141 6.93 3.56 8.19
C MET A 141 7.45 2.26 8.80
N VAL A 142 6.80 1.11 8.64
CA VAL A 142 7.50 -0.16 9.01
C VAL A 142 8.65 -0.37 8.00
N SER A 143 8.36 -0.34 6.70
CA SER A 143 9.37 -0.36 5.61
C SER A 143 10.42 0.73 5.81
N GLY A 144 9.98 1.95 6.10
CA GLY A 144 10.89 3.10 6.27
C GLY A 144 11.83 2.88 7.44
N PHE A 145 11.30 2.62 8.64
CA PHE A 145 12.14 2.49 9.84
C PHE A 145 13.04 1.26 9.71
N LEU A 146 12.60 0.20 9.06
CA LEU A 146 13.46 -1.01 8.96
C LEU A 146 14.61 -0.69 8.00
N SER A 147 14.36 -0.01 6.88
CA SER A 147 15.46 0.36 5.96
C SER A 147 16.48 1.22 6.72
N ILE A 148 15.99 2.14 7.56
CA ILE A 148 16.82 3.14 8.28
C ILE A 148 17.68 2.44 9.32
N HIS A 149 17.09 1.56 10.14
CA HIS A 149 17.80 0.77 11.15
C HIS A 149 18.83 -0.18 10.55
N LEU A 150 18.54 -0.83 9.40
CA LEU A 150 19.44 -1.86 8.82
C LEU A 150 20.22 -1.32 7.61
N GLY A 151 19.90 -0.14 7.09
CA GLY A 151 20.60 0.39 5.90
C GLY A 151 20.21 -0.35 4.61
N LEU A 152 18.93 -0.66 4.44
CA LEU A 152 18.38 -1.33 3.21
C LEU A 152 18.09 -0.26 2.16
N GLN A 153 18.68 -0.38 0.98
CA GLN A 153 18.52 0.66 -0.07
C GLN A 153 17.90 0.05 -1.33
N GLY A 154 17.40 -1.19 -1.21
CA GLY A 154 16.58 -1.80 -2.27
C GLY A 154 15.20 -1.15 -2.35
N PRO A 155 14.28 -1.71 -3.15
CA PRO A 155 12.93 -1.19 -3.25
C PRO A 155 12.30 -1.08 -1.86
N ASN A 156 11.67 0.05 -1.59
CA ASN A 156 11.10 0.33 -0.25
C ASN A 156 9.65 0.78 -0.44
N TYR A 157 8.69 -0.05 -0.02
CA TYR A 157 7.25 0.25 -0.24
C TYR A 157 6.41 -0.53 0.74
N ALA A 158 5.12 -0.20 0.72
CA ALA A 158 4.10 -0.82 1.59
C ALA A 158 2.85 -1.00 0.73
N LEU A 159 2.22 -2.15 0.89
CA LEU A 159 0.88 -2.44 0.35
C LEU A 159 -0.12 -2.21 1.46
N THR A 160 -1.33 -1.88 1.08
CA THR A 160 -2.49 -1.83 1.97
C THR A 160 -3.64 -2.37 1.13
N THR A 161 -3.91 -3.66 1.25
CA THR A 161 -5.03 -4.36 0.56
C THR A 161 -5.88 -5.03 1.65
N ALA A 162 -6.15 -4.31 2.74
CA ALA A 162 -7.08 -4.74 3.79
C ALA A 162 -6.63 -6.12 4.31
N GLN A 163 -7.54 -7.09 4.39
CA GLN A 163 -7.23 -8.37 5.07
C GLN A 163 -6.34 -9.24 4.16
N THR A 164 -5.99 -8.75 2.98
CA THR A 164 -5.15 -9.48 1.98
C THR A 164 -3.71 -8.97 2.06
N THR A 165 -3.44 -7.95 2.87
CA THR A 165 -2.19 -7.15 2.84
C THR A 165 -0.95 -8.07 3.00
N GLY A 166 -0.93 -8.97 3.98
CA GLY A 166 0.28 -9.75 4.29
C GLY A 166 0.61 -10.75 3.17
N THR A 167 -0.43 -11.30 2.55
CA THR A 167 -0.31 -12.21 1.39
C THR A 167 0.22 -11.44 0.19
N HIS A 168 -0.36 -10.30 -0.16
CA HIS A 168 0.12 -9.47 -1.32
C HIS A 168 1.54 -8.96 -1.08
N SER A 169 1.86 -8.48 0.13
CA SER A 169 3.19 -7.91 0.43
C SER A 169 4.25 -8.99 0.15
N ILE A 170 3.99 -10.21 0.61
CA ILE A 170 4.91 -11.35 0.40
C ILE A 170 5.00 -11.66 -1.10
N GLY A 171 3.87 -11.86 -1.79
CA GLY A 171 3.83 -12.22 -3.22
C GLY A 171 4.52 -11.20 -4.10
N MET A 172 4.23 -9.90 -3.92
N MET A 172 4.28 -9.90 -3.90
CA MET A 172 4.81 -8.82 -4.77
CA MET A 172 4.83 -8.84 -4.79
C MET A 172 6.33 -8.73 -4.52
C MET A 172 6.32 -8.62 -4.51
N ALA A 173 6.78 -8.81 -3.26
CA ALA A 173 8.23 -8.86 -2.91
C ALA A 173 8.90 -10.01 -3.68
N ALA A 174 8.30 -11.20 -3.68
CA ALA A 174 8.79 -12.38 -4.42
C ALA A 174 8.87 -12.06 -5.92
N ARG A 175 7.91 -11.32 -6.47
CA ARG A 175 7.95 -10.86 -7.88
C ARG A 175 9.15 -9.94 -8.08
N ASN A 176 9.38 -9.00 -7.16
CA ASN A 176 10.56 -8.10 -7.18
C ASN A 176 11.82 -8.95 -7.36
N ILE A 177 11.95 -10.03 -6.60
CA ILE A 177 13.19 -10.85 -6.61
C ILE A 177 13.24 -11.61 -7.94
N ALA A 178 12.11 -12.22 -8.31
CA ALA A 178 11.96 -13.05 -9.51
C ALA A 178 12.45 -12.28 -10.74
N TYR A 179 12.14 -10.99 -10.85
CA TYR A 179 12.43 -10.19 -12.08
C TYR A 179 13.70 -9.34 -11.95
N GLY A 180 14.50 -9.52 -10.90
CA GLY A 180 15.85 -8.95 -10.81
C GLY A 180 15.88 -7.63 -10.07
N GLU A 181 14.74 -7.07 -9.65
CA GLU A 181 14.69 -5.75 -8.95
C GLU A 181 15.35 -5.82 -7.56
N ALA A 182 15.48 -7.01 -6.98
CA ALA A 182 16.09 -7.21 -5.65
C ALA A 182 16.59 -8.65 -5.55
N ASP A 183 17.52 -8.90 -4.64
CA ASP A 183 17.98 -10.29 -4.35
C ASP A 183 17.39 -10.75 -3.03
N VAL A 184 17.03 -9.81 -2.16
CA VAL A 184 16.52 -10.10 -0.79
C VAL A 184 15.41 -9.10 -0.53
N MET A 185 14.33 -9.56 0.09
CA MET A 185 13.21 -8.69 0.51
C MET A 185 12.72 -9.19 1.87
N VAL A 186 12.52 -8.26 2.79
CA VAL A 186 11.75 -8.47 4.06
C VAL A 186 10.30 -8.09 3.75
N ALA A 187 9.37 -9.02 3.94
CA ALA A 187 7.97 -8.83 3.51
C ALA A 187 7.01 -9.44 4.54
N GLY A 188 5.85 -8.82 4.67
CA GLY A 188 4.81 -9.26 5.59
C GLY A 188 3.88 -8.12 5.89
N GLY A 189 3.27 -8.17 7.06
CA GLY A 189 2.42 -7.09 7.53
C GLY A 189 2.30 -7.11 9.03
N SER A 190 1.70 -6.05 9.55
CA SER A 190 1.52 -5.80 10.99
C SER A 190 0.20 -5.07 11.16
N GLU A 191 -0.53 -5.39 12.22
CA GLU A 191 -1.80 -4.71 12.55
C GLU A 191 -1.89 -4.50 14.06
N MET A 192 -2.38 -3.33 14.47
CA MET A 192 -2.93 -3.09 15.83
C MET A 192 -4.16 -2.21 15.68
N ALA A 193 -5.33 -2.83 15.60
CA ALA A 193 -6.61 -2.13 15.39
C ALA A 193 -7.51 -2.29 16.63
N ALA A 194 -6.97 -2.77 17.76
CA ALA A 194 -7.72 -3.02 19.01
C ALA A 194 -7.82 -1.72 19.79
N CYS A 195 -8.57 -0.74 19.27
CA CYS A 195 -8.94 0.51 19.98
C CYS A 195 -10.43 0.79 19.73
N GLY A 196 -10.96 1.88 20.29
CA GLY A 196 -12.38 2.26 20.16
C GLY A 196 -12.84 2.21 18.72
N LEU A 197 -12.10 2.87 17.81
CA LEU A 197 -12.53 2.97 16.39
C LEU A 197 -12.55 1.59 15.74
N GLY A 198 -11.56 0.73 16.05
CA GLY A 198 -11.45 -0.64 15.50
C GLY A 198 -12.56 -1.55 15.98
N LEU A 199 -12.77 -1.66 17.29
CA LEU A 199 -13.84 -2.54 17.81
C LEU A 199 -15.19 -1.92 17.44
N GLY A 200 -15.37 -0.63 17.71
CA GLY A 200 -16.57 0.12 17.33
C GLY A 200 -16.85 0.01 15.85
N GLY A 201 -15.82 0.15 15.00
CA GLY A 201 -15.97 0.20 13.54
C GLY A 201 -16.34 -1.15 12.96
N PHE A 202 -15.60 -2.19 13.29
CA PHE A 202 -15.92 -3.57 12.84
C PHE A 202 -17.23 -4.05 13.48
N GLY A 203 -17.53 -3.62 14.71
CA GLY A 203 -18.84 -3.90 15.36
C GLY A 203 -19.99 -3.23 14.64
N ALA A 204 -19.84 -1.96 14.27
CA ALA A 204 -20.89 -1.20 13.56
C ALA A 204 -21.14 -1.88 12.21
N ALA A 205 -20.12 -2.47 11.58
CA ALA A 205 -20.25 -3.15 10.28
C ALA A 205 -20.88 -4.54 10.46
N ARG A 206 -21.14 -4.96 11.71
CA ARG A 206 -21.72 -6.27 12.09
C ARG A 206 -20.83 -7.43 11.61
N ALA A 207 -19.49 -7.24 11.60
CA ALA A 207 -18.50 -8.25 11.15
C ALA A 207 -17.95 -9.11 12.30
N LEU A 208 -18.10 -8.68 13.57
CA LEU A 208 -17.38 -9.26 14.73
C LEU A 208 -18.27 -10.26 15.45
N SER A 209 -17.69 -11.37 15.93
CA SER A 209 -18.38 -12.23 16.93
C SER A 209 -18.70 -11.43 18.19
N THR A 210 -19.87 -11.67 18.78
CA THR A 210 -20.34 -11.03 20.03
C THR A 210 -20.44 -12.09 21.14
N ARG A 211 -19.61 -13.14 21.09
CA ARG A 211 -19.68 -14.28 22.04
C ARG A 211 -18.84 -13.96 23.28
N ASN A 212 -19.21 -12.86 23.95
CA ASN A 212 -18.52 -12.29 25.14
C ASN A 212 -18.48 -13.31 26.28
N ASP A 213 -19.46 -14.22 26.35
CA ASP A 213 -19.53 -15.22 27.45
C ASP A 213 -18.44 -16.28 27.27
N GLU A 214 -17.97 -16.53 26.05
CA GLU A 214 -16.99 -17.60 25.70
C GLU A 214 -16.01 -17.13 24.63
N PRO A 215 -15.08 -16.20 24.96
CA PRO A 215 -14.10 -15.71 24.00
C PRO A 215 -13.30 -16.75 23.18
N THR A 216 -12.79 -17.81 23.83
CA THR A 216 -11.89 -18.81 23.18
C THR A 216 -12.70 -19.67 22.22
N ARG A 217 -14.04 -19.61 22.27
CA ARG A 217 -14.97 -20.42 21.42
C ARG A 217 -15.61 -19.52 20.34
N ALA A 218 -15.33 -18.21 20.34
CA ALA A 218 -15.93 -17.22 19.40
C ALA A 218 -15.48 -17.50 17.96
N SER A 219 -14.18 -17.74 17.75
CA SER A 219 -13.61 -18.03 16.41
C SER A 219 -13.81 -19.52 16.10
N ARG A 220 -14.76 -19.86 15.24
CA ARG A 220 -15.19 -21.25 14.94
C ARG A 220 -15.47 -21.42 13.44
N PRO A 221 -14.42 -21.26 12.61
CA PRO A 221 -14.57 -21.31 11.15
C PRO A 221 -15.27 -22.60 10.69
N TRP A 222 -16.24 -22.45 9.78
CA TRP A 222 -17.06 -23.54 9.16
C TRP A 222 -18.00 -24.21 10.18
N ASP A 223 -18.00 -23.78 11.44
CA ASP A 223 -18.99 -24.25 12.44
C ASP A 223 -20.35 -23.59 12.16
N ARG A 224 -21.45 -24.31 12.42
CA ARG A 224 -22.82 -23.82 12.11
C ARG A 224 -23.09 -22.53 12.88
N ASP A 225 -22.57 -22.38 14.10
CA ASP A 225 -22.95 -21.27 15.03
C ASP A 225 -21.88 -20.15 15.03
N ARG A 226 -21.03 -20.05 14.00
CA ARG A 226 -20.10 -18.92 13.79
C ARG A 226 -20.91 -17.64 13.60
N ASP A 227 -20.44 -16.52 14.16
CA ASP A 227 -21.23 -15.25 14.21
C ASP A 227 -20.34 -14.04 13.94
N GLY A 228 -19.27 -14.20 13.17
CA GLY A 228 -18.36 -13.09 12.82
C GLY A 228 -16.94 -13.37 13.30
N PHE A 229 -15.99 -12.56 12.83
CA PHE A 229 -14.56 -12.84 13.10
C PHE A 229 -14.18 -12.22 14.45
N VAL A 230 -13.01 -12.60 14.93
CA VAL A 230 -12.42 -12.17 16.22
C VAL A 230 -11.20 -11.33 15.90
N LEU A 231 -11.13 -10.12 16.48
CA LEU A 231 -10.13 -9.11 16.10
C LEU A 231 -8.84 -9.37 16.91
N SER A 232 -7.71 -9.49 16.22
CA SER A 232 -6.41 -9.81 16.86
C SER A 232 -5.36 -8.85 16.33
N ASP A 233 -4.26 -8.74 17.05
CA ASP A 233 -3.17 -7.88 16.59
C ASP A 233 -1.89 -8.68 16.42
N GLY A 234 -0.96 -8.17 15.62
CA GLY A 234 0.36 -8.81 15.56
C GLY A 234 1.11 -8.47 14.29
N SER A 235 2.10 -9.29 13.96
CA SER A 235 2.96 -9.10 12.78
C SER A 235 3.58 -10.44 12.36
N GLY A 236 3.85 -10.56 11.07
CA GLY A 236 4.65 -11.62 10.46
C GLY A 236 5.59 -10.99 9.46
N ALA A 237 6.82 -11.47 9.40
CA ALA A 237 7.80 -11.03 8.38
C ALA A 237 8.59 -12.26 7.94
N LEU A 238 8.81 -12.34 6.64
CA LEU A 238 9.67 -13.37 6.03
CA LEU A 238 9.64 -13.37 5.95
C LEU A 238 10.85 -12.66 5.37
N VAL A 239 12.00 -13.30 5.39
CA VAL A 239 13.10 -12.92 4.48
C VAL A 239 12.94 -13.80 3.24
N LEU A 240 12.68 -13.13 2.13
CA LEU A 240 12.62 -13.78 0.77
CA LEU A 240 12.66 -13.80 0.80
C LEU A 240 14.04 -13.53 0.14
N GLU A 241 14.52 -14.54 -0.57
CA GLU A 241 15.89 -14.54 -1.10
C GLU A 241 15.95 -15.30 -2.44
N GLU A 242 16.64 -14.75 -3.42
CA GLU A 242 16.90 -15.43 -4.71
C GLU A 242 17.65 -16.73 -4.38
N LEU A 243 17.28 -17.83 -5.06
CA LEU A 243 17.79 -19.18 -4.73
C LEU A 243 19.32 -19.22 -4.79
N GLU A 244 19.94 -18.71 -5.86
CA GLU A 244 21.42 -18.84 -6.01
C GLU A 244 22.09 -17.98 -4.93
N HIS A 245 21.50 -16.84 -4.57
CA HIS A 245 21.96 -15.98 -3.44
C HIS A 245 21.89 -16.81 -2.15
N ALA A 246 20.80 -17.54 -1.90
CA ALA A 246 20.67 -18.34 -0.66
C ALA A 246 21.73 -19.44 -0.66
N ARG A 247 21.82 -20.22 -1.74
CA ARG A 247 22.78 -21.36 -1.86
C ARG A 247 24.19 -20.83 -1.65
N ALA A 248 24.56 -19.78 -2.37
CA ALA A 248 25.91 -19.16 -2.35
C ALA A 248 26.37 -18.90 -0.90
N ARG A 249 25.51 -18.37 -0.03
CA ARG A 249 25.97 -17.99 1.34
C ARG A 249 25.68 -19.16 2.30
N GLY A 250 25.24 -20.31 1.77
CA GLY A 250 24.86 -21.51 2.54
C GLY A 250 23.77 -21.25 3.56
N ALA A 251 22.69 -20.57 3.19
CA ALA A 251 21.55 -20.23 4.09
C ALA A 251 20.76 -21.50 4.41
N ARG A 252 20.16 -21.56 5.60
CA ARG A 252 19.11 -22.54 5.91
C ARG A 252 17.85 -22.12 5.15
N ILE A 253 17.36 -22.95 4.23
CA ILE A 253 16.13 -22.66 3.42
C ILE A 253 14.91 -23.36 4.04
N TYR A 254 13.85 -22.62 4.38
CA TYR A 254 12.63 -23.21 4.97
C TYR A 254 11.78 -23.86 3.88
N ALA A 255 11.66 -23.22 2.72
CA ALA A 255 10.73 -23.59 1.63
C ALA A 255 10.99 -22.70 0.44
N GLU A 256 10.44 -23.11 -0.72
CA GLU A 256 10.37 -22.27 -1.92
C GLU A 256 8.96 -21.66 -2.04
N LEU A 257 8.94 -20.40 -2.44
CA LEU A 257 7.70 -19.69 -2.83
CA LEU A 257 7.71 -19.66 -2.84
C LEU A 257 7.56 -19.82 -4.36
N VAL A 258 6.69 -20.73 -4.81
CA VAL A 258 6.62 -21.14 -6.25
C VAL A 258 5.44 -20.49 -6.97
N GLY A 259 4.43 -19.99 -6.28
CA GLY A 259 3.25 -19.40 -6.94
C GLY A 259 2.63 -18.26 -6.15
N PHE A 260 2.08 -17.31 -6.88
CA PHE A 260 1.38 -16.13 -6.34
C PHE A 260 0.27 -15.80 -7.34
N GLY A 261 -0.95 -15.76 -6.82
CA GLY A 261 -2.17 -15.31 -7.52
C GLY A 261 -2.76 -14.09 -6.85
N MET A 262 -3.22 -13.16 -7.66
CA MET A 262 -4.12 -12.06 -7.26
C MET A 262 -5.32 -12.14 -8.22
N SER A 263 -6.41 -11.49 -7.83
CA SER A 263 -7.65 -11.30 -8.62
C SER A 263 -8.54 -10.37 -7.80
N GLY A 264 -9.24 -9.44 -8.44
CA GLY A 264 -10.42 -8.79 -7.84
C GLY A 264 -11.64 -9.67 -8.06
N ASP A 265 -12.56 -9.74 -7.10
CA ASP A 265 -13.90 -10.35 -7.27
C ASP A 265 -14.74 -9.50 -8.23
N ALA A 266 -14.70 -8.19 -8.04
CA ALA A 266 -15.57 -7.21 -8.74
C ALA A 266 -17.03 -7.50 -8.37
N PHE A 267 -17.25 -7.99 -7.14
CA PHE A 267 -18.59 -8.35 -6.61
C PHE A 267 -19.12 -7.24 -5.68
N HIS A 268 -18.54 -7.10 -4.47
CA HIS A 268 -19.11 -6.27 -3.38
C HIS A 268 -18.01 -5.79 -2.41
N MET A 269 -18.22 -4.64 -1.77
CA MET A 269 -17.21 -3.94 -0.93
C MET A 269 -16.84 -4.78 0.30
N THR A 270 -17.79 -5.48 0.93
CA THR A 270 -17.58 -6.14 2.24
C THR A 270 -18.07 -7.58 2.27
N ALA A 271 -18.54 -8.13 1.16
CA ALA A 271 -19.12 -9.49 1.09
C ALA A 271 -18.50 -10.22 -0.11
N PRO A 272 -18.15 -11.52 0.04
CA PRO A 272 -17.65 -12.32 -1.07
C PRO A 272 -18.84 -12.89 -1.84
N PRO A 273 -18.65 -13.29 -3.11
CA PRO A 273 -19.68 -14.07 -3.81
C PRO A 273 -19.83 -15.47 -3.16
N GLU A 274 -21.06 -15.96 -3.06
CA GLU A 274 -21.42 -17.24 -2.40
C GLU A 274 -20.63 -18.42 -2.99
N ASP A 275 -20.32 -18.37 -4.29
CA ASP A 275 -19.64 -19.46 -5.03
C ASP A 275 -18.11 -19.35 -4.87
N GLY A 276 -17.61 -18.23 -4.34
CA GLY A 276 -16.17 -17.98 -4.15
C GLY A 276 -15.42 -17.93 -5.48
N ALA A 277 -16.00 -17.26 -6.48
CA ALA A 277 -15.45 -17.18 -7.86
C ALA A 277 -14.11 -16.42 -7.86
N GLY A 278 -13.92 -15.43 -6.97
CA GLY A 278 -12.68 -14.63 -6.87
C GLY A 278 -11.52 -15.41 -6.28
N ALA A 279 -11.82 -16.14 -5.22
CA ALA A 279 -10.92 -17.09 -4.53
C ALA A 279 -10.53 -18.21 -5.50
N ALA A 280 -11.50 -18.76 -6.23
CA ALA A 280 -11.29 -19.81 -7.26
C ALA A 280 -10.33 -19.28 -8.32
N ARG A 281 -10.60 -18.10 -8.88
CA ARG A 281 -9.75 -17.52 -9.94
C ARG A 281 -8.36 -17.30 -9.38
N CYS A 282 -8.26 -16.81 -8.16
CA CYS A 282 -6.97 -16.47 -7.51
C CYS A 282 -6.17 -17.77 -7.31
N MET A 283 -6.78 -18.80 -6.75
CA MET A 283 -6.03 -20.07 -6.48
C MET A 283 -5.55 -20.67 -7.82
N LYS A 284 -6.36 -20.61 -8.87
CA LYS A 284 -6.04 -21.17 -10.22
C LYS A 284 -4.84 -20.44 -10.80
N ASN A 285 -4.81 -19.11 -10.73
CA ASN A 285 -3.67 -18.27 -11.18
C ASN A 285 -2.40 -18.64 -10.44
N ALA A 286 -2.49 -18.83 -9.12
CA ALA A 286 -1.36 -19.17 -8.24
C ALA A 286 -0.80 -20.54 -8.63
N LEU A 287 -1.68 -21.52 -8.87
CA LEU A 287 -1.29 -22.92 -9.17
C LEU A 287 -0.66 -22.97 -10.56
N ARG A 288 -1.25 -22.25 -11.52
CA ARG A 288 -0.71 -22.14 -12.90
C ARG A 288 0.65 -21.44 -12.81
N ASP A 289 0.72 -20.34 -12.05
CA ASP A 289 1.98 -19.61 -11.75
C ASP A 289 3.07 -20.57 -11.25
N ALA A 290 2.71 -21.50 -10.37
CA ALA A 290 3.66 -22.45 -9.76
C ALA A 290 3.98 -23.60 -10.74
N GLY A 291 3.25 -23.74 -11.86
CA GLY A 291 3.34 -24.90 -12.78
C GLY A 291 2.92 -26.21 -12.11
N LEU A 292 1.90 -26.23 -11.26
CA LEU A 292 1.49 -27.47 -10.53
C LEU A 292 0.14 -28.03 -11.04
N ASP A 293 0.01 -29.34 -10.94
CA ASP A 293 -1.27 -30.11 -10.93
C ASP A 293 -1.96 -29.82 -9.60
N PRO A 294 -3.25 -29.40 -9.61
CA PRO A 294 -3.98 -29.13 -8.37
C PRO A 294 -3.95 -30.28 -7.36
N ARG A 295 -3.73 -31.51 -7.83
CA ARG A 295 -3.62 -32.72 -6.98
C ARG A 295 -2.29 -32.76 -6.23
N GLN A 296 -1.36 -31.84 -6.51
CA GLN A 296 -0.09 -31.75 -5.75
C GLN A 296 -0.31 -30.99 -4.44
N VAL A 297 -1.41 -30.26 -4.30
CA VAL A 297 -1.70 -29.47 -3.07
C VAL A 297 -2.12 -30.42 -1.95
N ASP A 298 -1.37 -30.43 -0.83
CA ASP A 298 -1.60 -31.32 0.33
C ASP A 298 -2.29 -30.54 1.45
N TYR A 299 -1.98 -29.25 1.60
CA TYR A 299 -2.43 -28.43 2.75
C TYR A 299 -2.82 -27.04 2.27
N ILE A 300 -4.01 -26.60 2.68
CA ILE A 300 -4.49 -25.21 2.48
C ILE A 300 -4.65 -24.55 3.85
N ASN A 301 -3.94 -23.45 4.08
CA ASN A 301 -4.22 -22.57 5.23
C ASN A 301 -5.28 -21.58 4.73
N ALA A 302 -6.54 -21.78 5.13
CA ALA A 302 -7.70 -21.04 4.59
C ALA A 302 -7.70 -19.63 5.16
N HIS A 303 -8.33 -18.70 4.47
CA HIS A 303 -8.61 -17.36 5.05
C HIS A 303 -9.49 -17.59 6.27
N GLY A 304 -10.58 -18.33 6.12
CA GLY A 304 -11.36 -18.93 7.24
C GLY A 304 -11.54 -17.99 8.44
N THR A 305 -12.32 -16.91 8.27
CA THR A 305 -12.42 -15.80 9.26
C THR A 305 -13.48 -16.10 10.36
N SER A 306 -14.39 -17.07 10.15
CA SER A 306 -15.53 -17.37 11.04
C SER A 306 -16.72 -16.41 10.75
N THR A 307 -16.77 -15.75 9.57
CA THR A 307 -17.98 -15.02 9.10
C THR A 307 -18.93 -16.00 8.41
N PRO A 308 -20.26 -15.88 8.60
CA PRO A 308 -21.22 -16.76 7.95
C PRO A 308 -20.96 -16.92 6.44
N ALA A 309 -20.77 -15.82 5.73
CA ALA A 309 -20.64 -15.84 4.26
C ALA A 309 -19.24 -16.29 3.86
N GLY A 310 -18.20 -15.80 4.55
CA GLY A 310 -16.81 -16.05 4.11
C GLY A 310 -16.46 -17.52 4.12
N ASP A 311 -16.83 -18.22 5.18
CA ASP A 311 -16.33 -19.61 5.42
C ASP A 311 -16.86 -20.52 4.31
N ILE A 312 -18.11 -20.30 3.88
CA ILE A 312 -18.81 -21.19 2.92
C ILE A 312 -18.41 -20.82 1.48
N ALA A 313 -18.20 -19.54 1.17
CA ALA A 313 -17.56 -19.09 -0.10
C ALA A 313 -16.24 -19.84 -0.33
N GLU A 314 -15.44 -20.03 0.70
CA GLU A 314 -14.07 -20.62 0.59
C GLU A 314 -14.14 -22.14 0.40
N ILE A 315 -15.14 -22.81 0.96
CA ILE A 315 -15.39 -24.25 0.64
C ILE A 315 -15.82 -24.34 -0.82
N ALA A 316 -16.66 -23.41 -1.29
CA ALA A 316 -17.17 -23.47 -2.68
C ALA A 316 -16.00 -23.29 -3.66
N ALA A 317 -15.07 -22.40 -3.36
CA ALA A 317 -13.89 -22.11 -4.21
C ALA A 317 -12.99 -23.35 -4.26
N VAL A 318 -12.79 -23.95 -3.10
CA VAL A 318 -11.87 -25.12 -2.99
C VAL A 318 -12.49 -26.31 -3.74
N LYS A 319 -13.81 -26.46 -3.68
CA LYS A 319 -14.52 -27.54 -4.42
C LYS A 319 -14.38 -27.28 -5.93
N SER A 320 -14.58 -26.05 -6.37
CA SER A 320 -14.50 -25.66 -7.80
CA SER A 320 -14.50 -25.67 -7.80
C SER A 320 -13.11 -25.94 -8.36
N VAL A 321 -12.05 -25.53 -7.65
CA VAL A 321 -10.65 -25.61 -8.14
C VAL A 321 -10.12 -27.05 -8.08
N PHE A 322 -10.42 -27.82 -7.04
CA PHE A 322 -9.70 -29.10 -6.79
C PHE A 322 -10.58 -30.33 -7.10
N GLY A 323 -11.90 -30.16 -7.29
CA GLY A 323 -12.82 -31.25 -7.61
C GLY A 323 -12.75 -32.32 -6.54
N GLU A 324 -12.59 -33.58 -6.93
CA GLU A 324 -12.55 -34.72 -5.98
C GLU A 324 -11.33 -34.59 -5.07
N HIS A 325 -10.25 -33.97 -5.55
CA HIS A 325 -9.00 -33.78 -4.75
C HIS A 325 -9.28 -32.91 -3.52
N ALA A 326 -10.30 -32.04 -3.54
CA ALA A 326 -10.78 -31.27 -2.36
C ALA A 326 -10.98 -32.20 -1.16
N HIS A 327 -11.26 -33.50 -1.38
CA HIS A 327 -11.51 -34.52 -0.33
C HIS A 327 -10.22 -35.23 0.10
N ALA A 328 -9.11 -35.02 -0.61
CA ALA A 328 -7.79 -35.62 -0.31
C ALA A 328 -6.92 -34.63 0.48
N LEU A 329 -6.91 -33.35 0.09
CA LEU A 329 -6.07 -32.34 0.80
C LEU A 329 -6.66 -32.09 2.18
N SER A 330 -5.83 -31.56 3.08
CA SER A 330 -6.25 -30.97 4.38
C SER A 330 -6.35 -29.45 4.25
N MET A 331 -7.41 -28.88 4.81
CA MET A 331 -7.64 -27.43 4.90
C MET A 331 -7.95 -27.07 6.36
N SER A 332 -7.25 -26.10 6.92
CA SER A 332 -7.56 -25.59 8.29
C SER A 332 -7.53 -24.06 8.29
N SER A 333 -8.17 -23.48 9.30
CA SER A 333 -8.07 -22.03 9.65
C SER A 333 -7.36 -21.90 11.00
N THR A 334 -6.18 -21.30 10.99
CA THR A 334 -5.43 -20.99 12.22
C THR A 334 -6.09 -19.79 12.93
N LYS A 335 -7.03 -19.11 12.27
CA LYS A 335 -7.83 -18.02 12.88
C LYS A 335 -8.76 -18.58 13.97
N SER A 336 -9.06 -19.88 13.95
CA SER A 336 -9.72 -20.60 15.08
C SER A 336 -8.96 -20.34 16.39
N MET A 337 -7.64 -20.15 16.31
CA MET A 337 -6.74 -20.03 17.46
C MET A 337 -6.26 -18.59 17.63
N THR A 338 -5.80 -17.94 16.56
CA THR A 338 -5.12 -16.62 16.64
C THR A 338 -6.13 -15.47 16.54
N GLY A 339 -7.37 -15.76 16.13
CA GLY A 339 -8.24 -14.76 15.50
C GLY A 339 -7.65 -14.16 14.24
N HIS A 340 -8.24 -13.06 13.82
CA HIS A 340 -7.98 -12.34 12.55
C HIS A 340 -7.05 -11.15 12.82
N LEU A 341 -5.79 -11.26 12.36
CA LEU A 341 -4.78 -10.18 12.48
C LEU A 341 -4.90 -9.22 11.30
N LEU A 342 -5.98 -9.29 10.51
CA LEU A 342 -6.28 -8.33 9.42
C LEU A 342 -5.12 -8.27 8.42
N GLY A 343 -4.47 -7.12 8.23
CA GLY A 343 -3.31 -6.95 7.31
C GLY A 343 -2.14 -7.88 7.65
N ALA A 344 -2.03 -8.36 8.88
CA ALA A 344 -0.94 -9.27 9.27
C ALA A 344 -1.38 -10.73 9.11
N ALA A 345 -2.68 -11.00 8.91
CA ALA A 345 -3.23 -12.38 8.85
C ALA A 345 -2.49 -13.21 7.77
N GLY A 346 -2.27 -12.63 6.59
CA GLY A 346 -1.58 -13.28 5.46
C GLY A 346 -0.10 -13.50 5.75
N ALA A 347 0.53 -12.64 6.55
CA ALA A 347 1.95 -12.76 6.98
C ALA A 347 2.11 -13.95 7.95
N VAL A 348 1.34 -13.98 9.04
CA VAL A 348 1.49 -15.06 10.07
C VAL A 348 1.06 -16.40 9.48
N GLU A 349 0.10 -16.39 8.53
CA GLU A 349 -0.45 -17.63 7.94
C GLU A 349 0.51 -18.18 6.90
N ALA A 350 1.16 -17.33 6.10
CA ALA A 350 2.32 -17.73 5.27
C ALA A 350 3.32 -18.50 6.15
N ILE A 351 3.62 -17.98 7.33
CA ILE A 351 4.69 -18.57 8.21
C ILE A 351 4.20 -19.96 8.67
N PHE A 352 2.93 -20.08 9.05
CA PHE A 352 2.30 -21.35 9.48
C PHE A 352 2.25 -22.35 8.33
N SER A 353 2.05 -21.89 7.09
CA SER A 353 2.04 -22.75 5.89
C SER A 353 3.47 -23.26 5.64
N VAL A 354 4.49 -22.42 5.82
CA VAL A 354 5.91 -22.85 5.66
C VAL A 354 6.26 -23.88 6.74
N LEU A 355 5.87 -23.65 7.99
CA LEU A 355 6.15 -24.57 9.12
C LEU A 355 5.37 -25.88 8.96
N ALA A 356 4.17 -25.83 8.38
CA ALA A 356 3.43 -27.06 8.03
C ALA A 356 4.32 -27.94 7.12
N LEU A 357 5.01 -27.32 6.16
CA LEU A 357 5.95 -27.99 5.23
C LEU A 357 7.19 -28.51 5.96
N ARG A 358 7.84 -27.67 6.77
CA ARG A 358 9.03 -28.07 7.57
C ARG A 358 8.68 -29.26 8.47
N ASP A 359 7.52 -29.24 9.14
CA ASP A 359 7.22 -30.21 10.22
C ASP A 359 6.25 -31.30 9.75
N GLN A 360 5.77 -31.24 8.50
CA GLN A 360 4.85 -32.23 7.89
C GLN A 360 3.62 -32.39 8.79
N VAL A 361 2.96 -31.27 9.12
CA VAL A 361 1.76 -31.33 10.01
C VAL A 361 0.78 -30.24 9.60
N ALA A 362 -0.50 -30.59 9.55
CA ALA A 362 -1.62 -29.68 9.25
C ALA A 362 -2.15 -29.14 10.59
N PRO A 363 -2.02 -27.83 10.82
CA PRO A 363 -2.56 -27.20 12.02
C PRO A 363 -4.05 -27.48 12.13
N PRO A 364 -4.62 -27.55 13.35
CA PRO A 364 -6.04 -27.78 13.52
C PRO A 364 -6.89 -26.53 13.24
N THR A 365 -8.15 -26.75 12.85
CA THR A 365 -9.25 -25.81 13.10
C THR A 365 -9.90 -26.17 14.44
N ILE A 366 -9.66 -25.37 15.48
CA ILE A 366 -10.33 -25.60 16.80
C ILE A 366 -11.73 -25.01 16.71
N ASN A 367 -12.61 -25.50 17.60
CA ASN A 367 -14.01 -25.04 17.81
C ASN A 367 -14.93 -25.50 16.67
N LEU A 368 -14.49 -26.44 15.84
CA LEU A 368 -15.29 -26.99 14.72
C LEU A 368 -16.12 -28.16 15.27
N ASP A 369 -17.10 -27.86 16.11
CA ASP A 369 -17.89 -28.88 16.85
C ASP A 369 -18.98 -29.41 15.89
N ASN A 370 -19.58 -28.52 15.09
CA ASN A 370 -20.74 -28.82 14.20
C ASN A 370 -20.50 -28.26 12.81
N PRO A 371 -19.75 -28.93 11.94
CA PRO A 371 -19.50 -28.41 10.60
C PRO A 371 -20.83 -28.02 9.95
N ASP A 372 -20.86 -26.88 9.26
CA ASP A 372 -22.09 -26.39 8.58
C ASP A 372 -22.32 -27.22 7.31
N GLU A 373 -23.52 -27.10 6.72
CA GLU A 373 -23.91 -27.79 5.46
C GLU A 373 -22.89 -27.50 4.35
N GLY A 374 -22.45 -28.56 3.68
CA GLY A 374 -21.51 -28.52 2.54
C GLY A 374 -20.06 -28.45 2.98
N CYS A 375 -19.80 -28.39 4.29
CA CYS A 375 -18.42 -28.29 4.85
C CYS A 375 -17.92 -29.71 5.14
N ASP A 376 -17.84 -30.55 4.11
CA ASP A 376 -17.61 -32.02 4.24
C ASP A 376 -16.17 -32.37 3.87
N LEU A 377 -15.25 -31.39 3.82
CA LEU A 377 -13.81 -31.65 3.54
C LEU A 377 -13.10 -31.99 4.84
N ASP A 378 -11.86 -32.47 4.77
CA ASP A 378 -10.98 -32.62 5.97
C ASP A 378 -10.57 -31.20 6.40
N LEU A 379 -11.24 -30.68 7.42
CA LEU A 379 -10.95 -29.33 7.95
C LEU A 379 -10.13 -29.44 9.25
N VAL A 380 -9.57 -30.63 9.54
CA VAL A 380 -8.56 -30.87 10.63
C VAL A 380 -9.16 -30.42 11.97
N ALA A 381 -10.44 -30.73 12.20
CA ALA A 381 -11.17 -30.32 13.44
C ALA A 381 -10.38 -30.70 14.69
N HIS A 382 -10.23 -29.76 15.64
CA HIS A 382 -9.85 -30.00 17.06
C HIS A 382 -8.34 -30.25 17.25
N GLU A 383 -7.67 -31.04 16.40
CA GLU A 383 -6.29 -31.49 16.68
C GLU A 383 -5.43 -31.50 15.40
N ALA A 384 -4.17 -31.12 15.55
CA ALA A 384 -3.14 -31.11 14.49
C ALA A 384 -3.11 -32.47 13.82
N LYS A 385 -2.99 -32.51 12.50
CA LYS A 385 -2.89 -33.81 11.79
C LYS A 385 -1.51 -33.89 11.14
N PRO A 386 -0.64 -34.79 11.65
CA PRO A 386 0.60 -35.13 10.97
C PRO A 386 0.23 -35.83 9.66
N ARG A 387 0.86 -35.41 8.57
CA ARG A 387 0.58 -35.95 7.23
C ARG A 387 1.67 -35.47 6.27
N LYS A 388 1.72 -36.07 5.08
CA LYS A 388 2.69 -35.68 4.03
C LYS A 388 2.20 -34.37 3.42
N ILE A 389 3.10 -33.41 3.26
CA ILE A 389 2.81 -32.07 2.67
C ILE A 389 4.01 -31.71 1.81
N ASP A 390 3.88 -31.82 0.50
CA ASP A 390 4.90 -31.29 -0.42
C ASP A 390 4.54 -29.86 -0.83
N VAL A 391 3.25 -29.57 -0.99
CA VAL A 391 2.78 -28.23 -1.45
C VAL A 391 1.70 -27.72 -0.48
N ALA A 392 1.94 -26.53 0.05
CA ALA A 392 1.00 -25.77 0.92
C ALA A 392 0.58 -24.47 0.21
N LEU A 393 -0.68 -24.12 0.41
CA LEU A 393 -1.32 -22.92 -0.17
C LEU A 393 -1.83 -22.09 1.01
N SER A 394 -1.64 -20.77 0.97
CA SER A 394 -2.25 -19.83 1.92
C SER A 394 -3.13 -18.87 1.14
N ASN A 395 -4.41 -18.79 1.50
CA ASN A 395 -5.40 -17.87 0.87
C ASN A 395 -5.74 -16.71 1.80
N SER A 396 -5.96 -15.55 1.19
CA SER A 396 -6.38 -14.28 1.83
C SER A 396 -7.40 -13.64 0.91
N PHE A 397 -8.45 -13.08 1.50
CA PHE A 397 -9.49 -12.26 0.81
CA PHE A 397 -9.39 -12.20 0.76
C PHE A 397 -9.69 -10.99 1.65
N GLY A 398 -10.07 -9.89 1.02
CA GLY A 398 -10.21 -8.61 1.72
C GLY A 398 -11.41 -7.83 1.22
N PHE A 399 -11.89 -6.90 2.04
CA PHE A 399 -12.81 -5.81 1.61
C PHE A 399 -12.27 -5.21 0.32
N GLY A 400 -13.18 -4.85 -0.60
CA GLY A 400 -12.84 -4.41 -1.96
C GLY A 400 -12.80 -5.59 -2.92
N GLY A 401 -13.05 -6.81 -2.43
CA GLY A 401 -13.03 -8.04 -3.24
C GLY A 401 -11.62 -8.33 -3.74
N THR A 402 -10.63 -8.01 -2.93
CA THR A 402 -9.19 -8.24 -3.23
C THR A 402 -8.86 -9.67 -2.80
N ASN A 403 -8.15 -10.44 -3.62
CA ASN A 403 -7.82 -11.86 -3.32
C ASN A 403 -6.32 -12.06 -3.57
N GLY A 404 -5.70 -12.96 -2.81
CA GLY A 404 -4.31 -13.36 -3.01
C GLY A 404 -4.06 -14.76 -2.55
N THR A 405 -3.24 -15.51 -3.29
CA THR A 405 -2.87 -16.89 -2.94
C THR A 405 -1.36 -17.05 -3.03
N LEU A 406 -0.78 -17.68 -2.02
CA LEU A 406 0.66 -18.02 -2.02
C LEU A 406 0.75 -19.53 -2.05
N VAL A 407 1.68 -20.04 -2.87
CA VAL A 407 1.96 -21.49 -2.97
C VAL A 407 3.41 -21.74 -2.52
N PHE A 408 3.59 -22.63 -1.56
CA PHE A 408 4.89 -23.00 -1.01
C PHE A 408 5.11 -24.49 -1.27
N ARG A 409 6.39 -24.83 -1.41
CA ARG A 409 6.85 -26.22 -1.70
C ARG A 409 8.13 -26.51 -0.91
N ARG A 410 8.21 -27.69 -0.29
CA ARG A 410 9.46 -28.25 0.27
C ARG A 410 10.55 -28.07 -0.77
N PHE A 411 11.73 -27.59 -0.35
CA PHE A 411 12.85 -27.26 -1.28
C PHE A 411 13.77 -28.48 -1.42
N ALA A 412 14.00 -28.91 -2.67
CA ALA A 412 14.92 -30.03 -3.05
C ALA A 412 15.09 -30.05 -4.58
N SER B 1 11.52 -11.04 -22.15
CA SER B 1 10.06 -11.13 -22.52
C SER B 1 9.32 -9.86 -22.09
N ARG B 2 9.97 -8.69 -22.16
CA ARG B 2 9.44 -7.45 -21.54
C ARG B 2 8.60 -6.64 -22.54
N ARG B 3 7.32 -6.51 -22.23
CA ARG B 3 6.34 -5.79 -23.08
C ARG B 3 6.44 -4.28 -22.80
N ARG B 4 6.25 -3.48 -23.84
CA ARG B 4 6.21 -2.01 -23.79
C ARG B 4 4.86 -1.56 -23.21
N VAL B 5 4.90 -0.50 -22.42
CA VAL B 5 3.74 0.04 -21.64
C VAL B 5 3.56 1.50 -22.08
N VAL B 6 2.34 1.84 -22.48
CA VAL B 6 1.99 3.22 -22.94
C VAL B 6 0.81 3.72 -22.11
N ILE B 7 0.59 5.03 -22.20
CA ILE B 7 -0.48 5.77 -21.47
C ILE B 7 -1.56 6.11 -22.49
N THR B 8 -2.77 5.63 -22.26
CA THR B 8 -3.91 5.78 -23.19
C THR B 8 -5.07 6.56 -22.53
N GLY B 9 -4.96 6.92 -21.26
CA GLY B 9 -6.05 7.60 -20.53
C GLY B 9 -5.54 8.30 -19.30
N MET B 10 -6.06 9.49 -19.01
CA MET B 10 -5.63 10.26 -17.83
C MET B 10 -6.86 10.93 -17.21
N GLY B 11 -6.87 11.05 -15.90
CA GLY B 11 -7.96 11.67 -15.12
C GLY B 11 -7.39 12.41 -13.94
N MET B 12 -8.03 13.50 -13.52
CA MET B 12 -7.43 14.37 -12.47
C MET B 12 -8.50 15.16 -11.75
N LEU B 13 -8.34 15.27 -10.43
CA LEU B 13 -8.87 16.37 -9.60
C LEU B 13 -7.67 17.09 -8.99
N SER B 14 -7.66 18.40 -9.06
CA SER B 14 -6.54 19.20 -8.51
C SER B 14 -7.10 20.53 -8.02
N PRO B 15 -6.34 21.28 -7.20
CA PRO B 15 -6.74 22.63 -6.84
C PRO B 15 -6.79 23.56 -8.07
N LEU B 16 -6.28 23.13 -9.23
CA LEU B 16 -6.32 23.94 -10.47
C LEU B 16 -7.52 23.58 -11.35
N GLY B 17 -8.30 22.55 -11.02
CA GLY B 17 -9.41 22.15 -11.91
C GLY B 17 -9.96 20.77 -11.61
N LEU B 18 -11.16 20.49 -12.16
CA LEU B 18 -11.94 19.25 -11.90
C LEU B 18 -11.66 18.19 -12.97
N ASP B 19 -10.77 18.47 -13.92
CA ASP B 19 -10.33 17.46 -14.91
C ASP B 19 -8.92 17.81 -15.39
N VAL B 20 -8.40 17.06 -16.36
CA VAL B 20 -6.99 17.20 -16.84
C VAL B 20 -6.85 18.48 -17.68
N PRO B 21 -7.68 18.76 -18.71
N PRO B 21 -7.65 18.72 -18.73
CA PRO B 21 -7.48 19.98 -19.52
CA PRO B 21 -7.53 19.96 -19.52
C PRO B 21 -7.74 21.30 -18.77
C PRO B 21 -7.60 21.23 -18.64
N SER B 22 -8.57 21.31 -17.72
CA SER B 22 -8.70 22.50 -16.84
C SER B 22 -7.42 22.65 -15.97
N SER B 23 -6.93 21.57 -15.32
CA SER B 23 -5.74 21.63 -14.44
C SER B 23 -4.52 22.08 -15.26
N TRP B 24 -4.36 21.54 -16.48
CA TRP B 24 -3.21 21.81 -17.41
C TRP B 24 -3.23 23.26 -17.91
N GLU B 25 -4.39 23.79 -18.32
CA GLU B 25 -4.58 25.22 -18.65
C GLU B 25 -3.99 26.06 -17.51
N GLY B 26 -4.37 25.77 -16.27
CA GLY B 26 -3.85 26.44 -15.06
C GLY B 26 -2.34 26.32 -14.92
N ILE B 27 -1.79 25.12 -15.11
CA ILE B 27 -0.34 24.87 -15.02
C ILE B 27 0.36 25.80 -16.03
N LEU B 28 -0.11 25.87 -17.28
CA LEU B 28 0.63 26.59 -18.35
C LEU B 28 0.47 28.10 -18.17
N ALA B 29 -0.69 28.57 -17.73
CA ALA B 29 -0.95 29.99 -17.41
C ALA B 29 -0.28 30.38 -16.07
N GLY B 30 0.30 29.43 -15.34
CA GLY B 30 1.03 29.75 -14.10
C GLY B 30 0.10 30.21 -12.97
N ARG B 31 -1.14 29.74 -12.95
CA ARG B 31 -2.12 30.05 -11.87
C ARG B 31 -1.82 29.22 -10.61
N SER B 32 -2.16 29.76 -9.44
CA SER B 32 -2.09 29.06 -8.14
C SER B 32 -3.49 28.56 -7.80
N GLY B 33 -3.62 27.39 -7.19
CA GLY B 33 -4.89 26.93 -6.64
C GLY B 33 -4.90 27.01 -5.12
N ILE B 34 -4.00 27.78 -4.53
CA ILE B 34 -3.86 27.83 -3.05
C ILE B 34 -4.72 28.99 -2.56
N ALA B 35 -5.46 28.77 -1.47
CA ALA B 35 -6.35 29.79 -0.87
C ALA B 35 -6.61 29.45 0.58
N PRO B 36 -7.10 30.43 1.38
CA PRO B 36 -7.50 30.18 2.76
C PRO B 36 -8.51 29.03 2.79
N ILE B 37 -8.42 28.12 3.76
CA ILE B 37 -9.35 26.94 3.79
C ILE B 37 -10.73 27.42 4.29
N GLU B 38 -11.81 26.95 3.67
CA GLU B 38 -13.20 27.43 3.99
C GLU B 38 -14.03 26.41 4.77
N HIS B 39 -13.62 25.14 4.87
CA HIS B 39 -14.51 24.05 5.37
C HIS B 39 -14.32 23.78 6.88
N MET B 40 -13.56 24.61 7.61
CA MET B 40 -13.36 24.44 9.07
C MET B 40 -12.70 25.66 9.68
N ASP B 41 -12.70 25.74 11.01
CA ASP B 41 -12.13 26.85 11.81
C ASP B 41 -10.66 26.52 12.10
N LEU B 42 -9.73 27.26 11.50
CA LEU B 42 -8.28 26.97 11.70
C LEU B 42 -7.60 28.04 12.57
N SER B 43 -8.37 28.74 13.43
CA SER B 43 -7.88 29.86 14.29
C SER B 43 -6.66 29.42 15.10
N ALA B 44 -6.72 28.24 15.72
CA ALA B 44 -5.69 27.66 16.60
C ALA B 44 -4.56 27.00 15.79
N TYR B 45 -4.65 26.91 14.47
CA TYR B 45 -3.63 26.26 13.60
C TYR B 45 -2.63 27.33 13.13
N SER B 46 -1.37 26.95 12.88
CA SER B 46 -0.32 27.87 12.40
C SER B 46 -0.36 28.01 10.87
N THR B 47 -1.05 27.10 10.17
CA THR B 47 -1.26 27.15 8.70
C THR B 47 -2.78 27.13 8.44
N ARG B 48 -3.29 28.09 7.66
CA ARG B 48 -4.76 28.31 7.46
C ARG B 48 -5.17 28.21 5.99
N PHE B 49 -4.26 27.75 5.13
CA PHE B 49 -4.45 27.73 3.66
C PHE B 49 -3.89 26.40 3.09
N GLY B 50 -4.30 26.09 1.87
CA GLY B 50 -3.83 24.92 1.10
C GLY B 50 -4.62 24.78 -0.18
N GLY B 51 -4.43 23.69 -0.92
CA GLY B 51 -5.11 23.47 -2.21
C GLY B 51 -6.31 22.57 -2.04
N SER B 52 -7.52 23.12 -2.07
CA SER B 52 -8.78 22.33 -2.03
C SER B 52 -9.20 22.06 -3.46
N VAL B 53 -9.85 20.94 -3.72
CA VAL B 53 -10.61 20.72 -4.98
C VAL B 53 -11.87 21.57 -4.85
N LYS B 54 -12.04 22.57 -5.72
CA LYS B 54 -13.13 23.57 -5.63
C LYS B 54 -14.26 23.14 -6.57
N GLY B 55 -15.46 22.90 -6.03
CA GLY B 55 -16.67 22.68 -6.83
C GLY B 55 -16.91 21.21 -7.20
N PHE B 56 -16.28 20.27 -6.50
CA PHE B 56 -16.38 18.83 -6.79
C PHE B 56 -17.81 18.39 -6.55
N ASN B 57 -18.43 17.76 -7.55
CA ASN B 57 -19.77 17.16 -7.44
C ASN B 57 -19.65 15.64 -7.59
N VAL B 58 -19.72 14.90 -6.49
CA VAL B 58 -19.51 13.43 -6.54
C VAL B 58 -20.66 12.78 -7.32
N GLU B 59 -21.81 13.45 -7.51
CA GLU B 59 -23.01 12.80 -8.09
C GLU B 59 -22.89 12.74 -9.62
N GLU B 60 -21.89 13.42 -10.21
CA GLU B 60 -21.44 13.13 -11.60
C GLU B 60 -20.87 11.72 -11.71
N TYR B 61 -20.54 11.06 -10.59
CA TYR B 61 -19.80 9.78 -10.61
C TYR B 61 -20.60 8.71 -9.87
N LEU B 62 -21.17 9.04 -8.71
CA LEU B 62 -21.79 8.04 -7.83
C LEU B 62 -23.19 8.52 -7.46
N SER B 63 -24.06 7.60 -7.05
CA SER B 63 -25.31 7.94 -6.33
C SER B 63 -24.89 8.58 -5.01
N ALA B 64 -25.71 9.51 -4.51
CA ALA B 64 -25.63 10.09 -3.15
C ALA B 64 -25.38 8.97 -2.14
N LYS B 65 -26.16 7.90 -2.20
CA LYS B 65 -26.03 6.80 -1.19
C LYS B 65 -24.62 6.18 -1.28
N GLU B 66 -24.12 5.93 -2.48
CA GLU B 66 -22.77 5.35 -2.69
C GLU B 66 -21.73 6.32 -2.11
N ALA B 67 -21.81 7.62 -2.45
CA ALA B 67 -20.87 8.68 -2.01
C ALA B 67 -20.82 8.82 -0.48
N ARG B 68 -21.96 8.72 0.23
CA ARG B 68 -22.07 8.82 1.72
C ARG B 68 -21.31 7.71 2.43
N LYS B 69 -21.00 6.62 1.74
CA LYS B 69 -20.26 5.50 2.33
C LYS B 69 -18.75 5.73 2.23
N LEU B 70 -18.28 6.71 1.44
CA LEU B 70 -16.84 6.82 1.07
C LEU B 70 -16.23 8.15 1.52
N ASP B 71 -15.02 8.10 2.08
CA ASP B 71 -14.20 9.28 2.46
C ASP B 71 -13.90 10.08 1.19
N LEU B 72 -13.66 11.37 1.34
CA LEU B 72 -13.37 12.24 0.17
C LEU B 72 -12.21 11.66 -0.65
N PHE B 73 -11.14 11.13 -0.04
CA PHE B 73 -9.95 10.64 -0.80
C PHE B 73 -10.42 9.54 -1.77
N ILE B 74 -11.39 8.73 -1.37
CA ILE B 74 -11.88 7.59 -2.18
C ILE B 74 -12.77 8.16 -3.28
N GLN B 75 -13.67 9.06 -2.91
CA GLN B 75 -14.44 9.85 -3.89
C GLN B 75 -13.50 10.44 -4.95
N TYR B 76 -12.42 11.08 -4.52
CA TYR B 76 -11.47 11.76 -5.45
C TYR B 76 -10.78 10.74 -6.37
N GLY B 77 -10.38 9.58 -5.84
CA GLY B 77 -9.63 8.61 -6.66
C GLY B 77 -10.55 7.96 -7.67
N LEU B 78 -11.79 7.66 -7.27
CA LEU B 78 -12.86 7.14 -8.18
C LEU B 78 -13.11 8.16 -9.30
N ALA B 79 -13.29 9.44 -8.98
CA ALA B 79 -13.51 10.49 -10.02
C ALA B 79 -12.37 10.45 -11.05
N ALA B 80 -11.11 10.53 -10.61
CA ALA B 80 -9.95 10.57 -11.53
C ALA B 80 -9.87 9.24 -12.28
N SER B 81 -10.15 8.12 -11.61
CA SER B 81 -10.14 6.76 -12.18
C SER B 81 -11.19 6.66 -13.31
N PHE B 82 -12.42 7.08 -13.06
CA PHE B 82 -13.54 7.08 -14.07
C PHE B 82 -13.19 8.01 -15.24
N GLN B 83 -12.59 9.18 -14.99
CA GLN B 83 -12.18 10.10 -16.10
C GLN B 83 -11.14 9.41 -17.01
N ALA B 84 -10.17 8.71 -16.41
CA ALA B 84 -9.05 8.05 -17.11
C ALA B 84 -9.59 6.93 -18.01
N VAL B 85 -10.47 6.07 -17.49
CA VAL B 85 -11.10 4.94 -18.21
C VAL B 85 -11.93 5.48 -19.39
N ARG B 86 -12.78 6.47 -19.15
CA ARG B 86 -13.53 7.21 -20.21
C ARG B 86 -12.53 7.77 -21.24
N ASP B 87 -11.50 8.48 -20.79
CA ASP B 87 -10.47 9.09 -21.67
C ASP B 87 -9.81 8.00 -22.54
N SER B 88 -9.65 6.77 -22.04
CA SER B 88 -8.93 5.68 -22.76
C SER B 88 -9.84 5.08 -23.85
N GLY B 89 -11.17 5.18 -23.69
CA GLY B 89 -12.14 4.48 -24.54
C GLY B 89 -12.09 2.98 -24.33
N LEU B 90 -11.50 2.51 -23.24
CA LEU B 90 -11.33 1.05 -23.01
C LEU B 90 -12.73 0.45 -22.89
N GLU B 91 -12.95 -0.72 -23.47
CA GLU B 91 -14.19 -1.53 -23.30
C GLU B 91 -13.80 -2.77 -22.49
N VAL B 92 -14.42 -2.96 -21.32
CA VAL B 92 -14.25 -4.17 -20.48
C VAL B 92 -15.23 -5.23 -20.96
N THR B 93 -14.74 -6.43 -21.22
CA THR B 93 -15.53 -7.55 -21.80
C THR B 93 -15.26 -8.82 -21.00
N ASP B 94 -16.11 -9.82 -21.15
CA ASP B 94 -15.93 -11.15 -20.52
C ASP B 94 -14.59 -11.73 -21.00
N ALA B 95 -14.11 -11.32 -22.17
CA ALA B 95 -12.87 -11.82 -22.81
C ALA B 95 -11.61 -11.15 -22.21
N ASN B 96 -11.71 -9.96 -21.58
CA ASN B 96 -10.50 -9.23 -21.14
C ASN B 96 -10.55 -8.81 -19.66
N ARG B 97 -11.64 -9.04 -18.94
CA ARG B 97 -11.83 -8.45 -17.58
C ARG B 97 -10.79 -8.97 -16.56
N GLU B 98 -10.27 -10.19 -16.71
CA GLU B 98 -9.18 -10.72 -15.83
C GLU B 98 -7.79 -10.22 -16.27
N ARG B 99 -7.69 -9.35 -17.26
CA ARG B 99 -6.41 -8.78 -17.75
C ARG B 99 -6.36 -7.29 -17.43
N ILE B 100 -7.36 -6.78 -16.70
CA ILE B 100 -7.48 -5.35 -16.34
C ILE B 100 -7.51 -5.23 -14.81
N GLY B 101 -6.49 -4.57 -14.25
CA GLY B 101 -6.37 -4.39 -12.79
C GLY B 101 -6.34 -2.94 -12.41
N VAL B 102 -6.13 -2.70 -11.13
CA VAL B 102 -6.14 -1.32 -10.54
CA VAL B 102 -6.12 -1.32 -10.56
C VAL B 102 -5.12 -1.25 -9.41
N SER B 103 -4.33 -0.19 -9.40
CA SER B 103 -3.41 0.16 -8.30
CA SER B 103 -3.38 0.17 -8.32
C SER B 103 -3.51 1.66 -8.03
N MET B 104 -4.50 2.02 -7.24
CA MET B 104 -4.71 3.41 -6.77
C MET B 104 -4.34 3.43 -5.30
N GLY B 105 -3.48 4.36 -4.95
CA GLY B 105 -3.00 4.43 -3.57
C GLY B 105 -3.33 5.74 -2.91
N SER B 106 -2.84 5.86 -1.70
CA SER B 106 -2.93 7.11 -0.94
C SER B 106 -1.86 7.09 0.14
N GLY B 107 -1.36 8.27 0.53
CA GLY B 107 -0.28 8.43 1.51
C GLY B 107 -0.83 8.32 2.93
N ILE B 108 -1.92 9.03 3.21
CA ILE B 108 -2.46 9.18 4.59
C ILE B 108 -3.93 8.74 4.66
N GLY B 109 -4.55 8.36 3.54
CA GLY B 109 -5.84 7.64 3.54
C GLY B 109 -6.96 8.37 4.25
N GLY B 110 -7.79 7.66 5.02
CA GLY B 110 -9.10 8.15 5.48
C GLY B 110 -9.05 8.95 6.78
N LEU B 111 -8.04 9.79 6.93
CA LEU B 111 -7.76 10.55 8.17
C LEU B 111 -8.98 11.42 8.52
N THR B 112 -9.58 12.06 7.53
CA THR B 112 -10.76 12.97 7.67
C THR B 112 -11.95 12.17 8.19
N ASN B 113 -12.31 11.10 7.49
CA ASN B 113 -13.35 10.14 7.94
C ASN B 113 -13.07 9.69 9.37
N ILE B 114 -11.82 9.40 9.69
CA ILE B 114 -11.48 8.82 11.02
C ILE B 114 -11.73 9.90 12.07
N GLU B 115 -11.41 11.15 11.73
CA GLU B 115 -11.63 12.33 12.59
C GLU B 115 -13.13 12.45 12.90
N ASN B 116 -13.97 12.47 11.86
CA ASN B 116 -15.42 12.68 12.02
C ASN B 116 -15.99 11.55 12.88
N ASN B 117 -15.60 10.30 12.63
CA ASN B 117 -16.08 9.15 13.41
C ASN B 117 -15.54 9.25 14.83
N CYS B 118 -14.31 9.73 14.99
CA CYS B 118 -13.70 9.93 16.33
C CYS B 118 -14.54 10.96 17.12
N ARG B 119 -14.96 12.03 16.46
CA ARG B 119 -15.82 13.06 17.09
C ARG B 119 -17.13 12.41 17.56
N SER B 120 -17.79 11.63 16.71
CA SER B 120 -19.03 10.93 17.10
C SER B 120 -18.73 10.04 18.30
N LEU B 121 -17.65 9.25 18.24
CA LEU B 121 -17.31 8.29 19.32
C LEU B 121 -17.12 9.03 20.66
N PHE B 122 -16.41 10.16 20.65
CA PHE B 122 -16.06 10.93 21.87
C PHE B 122 -17.29 11.67 22.40
N GLU B 123 -18.20 12.08 21.52
CA GLU B 123 -19.34 12.95 21.92
C GLU B 123 -20.48 12.05 22.43
N GLN B 124 -20.74 10.91 21.78
CA GLN B 124 -21.97 10.11 22.00
C GLN B 124 -21.70 8.60 22.04
N GLY B 125 -20.44 8.15 22.00
CA GLY B 125 -20.09 6.72 22.20
C GLY B 125 -20.11 5.90 20.92
N PRO B 126 -19.66 4.62 20.99
CA PRO B 126 -19.44 3.79 19.80
C PRO B 126 -20.67 3.39 18.99
N ARG B 127 -21.88 3.54 19.52
CA ARG B 127 -23.12 3.24 18.74
C ARG B 127 -23.27 4.25 17.59
N ARG B 128 -22.53 5.35 17.62
CA ARG B 128 -22.64 6.43 16.59
C ARG B 128 -21.56 6.27 15.51
N ILE B 129 -20.68 5.27 15.61
CA ILE B 129 -19.69 4.96 14.53
C ILE B 129 -20.46 4.47 13.29
N SER B 130 -20.23 5.06 12.12
CA SER B 130 -20.89 4.69 10.85
C SER B 130 -20.63 3.21 10.56
N PRO B 131 -21.65 2.44 10.12
CA PRO B 131 -21.46 1.06 9.65
C PRO B 131 -20.36 0.91 8.57
N PHE B 132 -20.12 1.98 7.82
CA PHE B 132 -19.26 1.99 6.62
C PHE B 132 -17.91 2.61 6.96
N PHE B 133 -17.64 2.86 8.25
CA PHE B 133 -16.42 3.54 8.70
C PHE B 133 -15.18 2.81 8.17
N VAL B 134 -15.12 1.49 8.34
CA VAL B 134 -13.96 0.67 7.89
C VAL B 134 -13.89 0.64 6.36
N PRO B 135 -14.86 0.05 5.62
CA PRO B 135 -14.73 -0.05 4.16
C PRO B 135 -14.61 1.33 3.51
N GLY B 136 -15.26 2.33 4.11
CA GLY B 136 -15.33 3.71 3.59
C GLY B 136 -14.07 4.52 3.85
N SER B 137 -13.11 3.99 4.60
CA SER B 137 -11.94 4.76 5.07
C SER B 137 -10.62 4.14 4.59
N ILE B 138 -10.59 2.85 4.28
CA ILE B 138 -9.33 2.10 3.98
C ILE B 138 -8.86 2.40 2.56
N ILE B 139 -7.55 2.49 2.38
CA ILE B 139 -6.87 3.08 1.18
C ILE B 139 -7.11 2.20 -0.06
N ASN B 140 -7.38 0.91 0.10
CA ASN B 140 -7.52 -0.01 -1.07
C ASN B 140 -8.94 0.10 -1.62
N MET B 141 -9.81 0.90 -0.99
CA MET B 141 -11.22 0.95 -1.42
C MET B 141 -11.38 1.78 -2.70
N VAL B 142 -10.39 2.56 -3.15
CA VAL B 142 -10.44 3.14 -4.53
C VAL B 142 -10.28 1.99 -5.54
N SER B 143 -9.27 1.14 -5.35
CA SER B 143 -9.05 -0.07 -6.18
C SER B 143 -10.27 -0.99 -6.07
N GLY B 144 -10.77 -1.24 -4.86
CA GLY B 144 -11.89 -2.17 -4.65
C GLY B 144 -13.15 -1.68 -5.36
N PHE B 145 -13.53 -0.42 -5.10
CA PHE B 145 -14.77 0.15 -5.66
C PHE B 145 -14.66 0.21 -7.19
N LEU B 146 -13.51 0.64 -7.72
CA LEU B 146 -13.37 0.81 -9.18
C LEU B 146 -13.58 -0.55 -9.83
N SER B 147 -12.91 -1.58 -9.33
CA SER B 147 -12.96 -2.94 -9.90
C SER B 147 -14.40 -3.51 -9.81
N ILE B 148 -15.13 -3.26 -8.71
CA ILE B 148 -16.54 -3.70 -8.53
C ILE B 148 -17.41 -2.91 -9.53
N HIS B 149 -17.19 -1.61 -9.67
CA HIS B 149 -18.01 -0.78 -10.59
C HIS B 149 -17.80 -1.22 -12.05
N LEU B 150 -16.57 -1.51 -12.48
CA LEU B 150 -16.25 -1.76 -13.92
C LEU B 150 -16.13 -3.25 -14.21
N GLY B 151 -16.18 -4.12 -13.20
CA GLY B 151 -16.00 -5.57 -13.36
C GLY B 151 -14.56 -5.94 -13.70
N LEU B 152 -13.57 -5.31 -13.07
CA LEU B 152 -12.13 -5.59 -13.32
C LEU B 152 -11.69 -6.72 -12.38
N GLN B 153 -11.09 -7.78 -12.94
CA GLN B 153 -10.74 -9.02 -12.22
C GLN B 153 -9.24 -9.27 -12.35
N GLY B 154 -8.48 -8.29 -12.85
CA GLY B 154 -7.01 -8.34 -12.83
C GLY B 154 -6.46 -8.03 -11.44
N PRO B 155 -5.13 -7.89 -11.31
CA PRO B 155 -4.49 -7.50 -10.04
C PRO B 155 -5.17 -6.30 -9.40
N ASN B 156 -5.62 -6.49 -8.15
CA ASN B 156 -6.32 -5.41 -7.41
C ASN B 156 -5.56 -5.14 -6.11
N TYR B 157 -4.88 -4.01 -6.05
CA TYR B 157 -4.07 -3.66 -4.85
C TYR B 157 -3.98 -2.15 -4.70
N ALA B 158 -3.35 -1.75 -3.61
CA ALA B 158 -3.08 -0.31 -3.31
C ALA B 158 -1.70 -0.19 -2.68
N LEU B 159 -0.90 0.77 -3.13
CA LEU B 159 0.36 1.20 -2.47
C LEU B 159 0.10 2.34 -1.50
N THR B 160 0.88 2.39 -0.43
CA THR B 160 0.93 3.57 0.45
C THR B 160 2.40 3.79 0.78
N THR B 161 3.05 4.73 0.10
CA THR B 161 4.50 5.03 0.32
C THR B 161 4.62 6.54 0.51
N ALA B 162 3.75 7.05 1.39
CA ALA B 162 3.68 8.46 1.79
C ALA B 162 3.65 9.32 0.54
N GLN B 163 4.56 10.29 0.43
CA GLN B 163 4.56 11.29 -0.66
C GLN B 163 5.09 10.67 -1.97
N THR B 164 5.49 9.38 -1.94
CA THR B 164 5.96 8.66 -3.16
C THR B 164 4.83 7.82 -3.76
N THR B 165 3.66 7.78 -3.12
CA THR B 165 2.61 6.79 -3.42
C THR B 165 2.23 6.77 -4.91
N GLY B 166 1.88 7.93 -5.48
CA GLY B 166 1.45 8.05 -6.88
C GLY B 166 2.47 7.48 -7.85
N THR B 167 3.75 7.72 -7.60
CA THR B 167 4.89 7.35 -8.47
C THR B 167 5.05 5.82 -8.40
N HIS B 168 5.04 5.27 -7.20
CA HIS B 168 5.14 3.81 -6.99
C HIS B 168 3.94 3.09 -7.60
N SER B 169 2.73 3.64 -7.47
CA SER B 169 1.51 2.95 -7.95
C SER B 169 1.63 2.79 -9.45
N ILE B 170 1.99 3.87 -10.13
CA ILE B 170 2.13 3.93 -11.60
C ILE B 170 3.26 2.99 -12.06
N GLY B 171 4.42 3.03 -11.39
CA GLY B 171 5.57 2.18 -11.69
C GLY B 171 5.28 0.71 -11.50
N MET B 172 4.67 0.30 -10.37
CA MET B 172 4.46 -1.15 -10.09
C MET B 172 3.41 -1.72 -11.06
N ALA B 173 2.45 -0.89 -11.48
CA ALA B 173 1.39 -1.23 -12.45
C ALA B 173 2.02 -1.43 -13.83
N ALA B 174 2.97 -0.57 -14.18
CA ALA B 174 3.82 -0.73 -15.37
C ALA B 174 4.51 -2.10 -15.32
N ARG B 175 5.07 -2.45 -14.19
CA ARG B 175 5.76 -3.77 -14.02
C ARG B 175 4.76 -4.88 -14.30
N ASN B 176 3.56 -4.77 -13.73
CA ASN B 176 2.46 -5.74 -13.91
C ASN B 176 2.27 -6.00 -15.41
N ILE B 177 2.29 -4.96 -16.22
CA ILE B 177 1.96 -5.05 -17.66
C ILE B 177 3.19 -5.55 -18.44
N ALA B 178 4.37 -5.02 -18.14
CA ALA B 178 5.64 -5.38 -18.82
C ALA B 178 5.89 -6.88 -18.65
N TYR B 179 5.57 -7.45 -17.47
CA TYR B 179 5.91 -8.87 -17.15
C TYR B 179 4.68 -9.77 -17.38
N GLY B 180 3.69 -9.25 -18.09
CA GLY B 180 2.57 -10.05 -18.63
C GLY B 180 1.54 -10.45 -17.58
N GLU B 181 1.51 -9.83 -16.40
CA GLU B 181 0.51 -10.17 -15.34
C GLU B 181 -0.82 -9.46 -15.63
N ALA B 182 -0.83 -8.38 -16.41
CA ALA B 182 -2.05 -7.68 -16.88
C ALA B 182 -1.75 -7.03 -18.23
N ASP B 183 -2.78 -6.67 -18.98
CA ASP B 183 -2.65 -5.93 -20.25
C ASP B 183 -3.05 -4.46 -20.02
N VAL B 184 -3.96 -4.21 -19.08
CA VAL B 184 -4.39 -2.82 -18.73
C VAL B 184 -4.37 -2.67 -17.20
N MET B 185 -3.93 -1.50 -16.73
CA MET B 185 -3.97 -1.17 -15.29
C MET B 185 -4.45 0.26 -15.18
N VAL B 186 -5.31 0.52 -14.20
CA VAL B 186 -5.57 1.91 -13.75
C VAL B 186 -4.68 2.22 -12.54
N ALA B 187 -3.89 3.26 -12.61
CA ALA B 187 -2.92 3.54 -11.53
C ALA B 187 -2.80 5.04 -11.26
N GLY B 188 -2.49 5.36 -10.01
CA GLY B 188 -2.29 6.73 -9.54
C GLY B 188 -2.53 6.82 -8.06
N GLY B 189 -3.01 7.96 -7.60
CA GLY B 189 -3.21 8.18 -6.16
C GLY B 189 -4.24 9.24 -5.92
N SER B 190 -4.79 9.25 -4.72
CA SER B 190 -5.76 10.26 -4.24
C SER B 190 -5.41 10.63 -2.81
N GLU B 191 -5.75 11.84 -2.43
CA GLU B 191 -5.45 12.38 -1.09
C GLU B 191 -6.47 13.46 -0.74
N MET B 192 -7.02 13.36 0.47
CA MET B 192 -7.79 14.44 1.16
CA MET B 192 -7.75 14.47 1.15
C MET B 192 -7.34 14.46 2.63
N ALA B 193 -6.28 15.19 2.93
CA ALA B 193 -5.71 15.28 4.30
C ALA B 193 -5.95 16.66 4.91
N ALA B 194 -6.71 17.55 4.23
CA ALA B 194 -7.04 18.91 4.73
C ALA B 194 -8.08 18.78 5.84
N CYS B 195 -7.67 18.22 6.98
CA CYS B 195 -8.49 18.09 8.21
C CYS B 195 -7.63 18.53 9.40
N GLY B 196 -8.21 18.54 10.60
CA GLY B 196 -7.50 18.94 11.83
C GLY B 196 -6.19 18.17 11.94
N LEU B 197 -6.26 16.85 11.77
CA LEU B 197 -5.07 16.01 11.98
C LEU B 197 -4.01 16.22 10.89
N GLY B 198 -4.44 16.39 9.64
CA GLY B 198 -3.51 16.62 8.52
C GLY B 198 -2.75 17.94 8.62
N LEU B 199 -3.46 19.07 8.74
CA LEU B 199 -2.78 20.38 8.93
C LEU B 199 -2.06 20.42 10.29
N GLY B 200 -2.69 19.88 11.34
CA GLY B 200 -2.11 19.83 12.70
C GLY B 200 -0.92 18.89 12.78
N GLY B 201 -1.02 17.71 12.14
CA GLY B 201 0.03 16.69 12.11
C GLY B 201 1.28 17.17 11.40
N PHE B 202 1.14 17.65 10.17
CA PHE B 202 2.26 18.12 9.31
C PHE B 202 2.80 19.43 9.86
N GLY B 203 1.92 20.21 10.48
CA GLY B 203 2.28 21.45 11.18
C GLY B 203 3.07 21.17 12.43
N ALA B 204 2.68 20.16 13.23
CA ALA B 204 3.45 19.72 14.42
C ALA B 204 4.84 19.24 13.99
N ALA B 205 4.97 18.65 12.80
CA ALA B 205 6.28 18.24 12.23
C ALA B 205 7.07 19.46 11.72
N ARG B 206 6.54 20.68 11.82
CA ARG B 206 7.18 21.93 11.35
C ARG B 206 7.51 21.82 9.85
N ALA B 207 6.64 21.17 9.08
CA ALA B 207 6.91 20.84 7.67
C ALA B 207 6.15 21.78 6.73
N LEU B 208 5.26 22.64 7.26
CA LEU B 208 4.33 23.48 6.47
C LEU B 208 4.84 24.91 6.40
N SER B 209 4.64 25.56 5.27
CA SER B 209 4.63 27.04 5.15
C SER B 209 3.58 27.62 6.09
N THR B 210 3.97 28.66 6.85
CA THR B 210 3.06 29.45 7.72
C THR B 210 2.80 30.83 7.08
N ARG B 211 3.05 31.01 5.79
CA ARG B 211 2.88 32.31 5.07
C ARG B 211 1.37 32.61 4.87
N ASN B 212 0.58 32.74 5.95
CA ASN B 212 -0.90 32.87 5.95
C ASN B 212 -1.33 34.18 5.28
N ASP B 213 -0.45 35.19 5.26
CA ASP B 213 -0.75 36.52 4.63
C ASP B 213 -0.75 36.41 3.10
N GLU B 214 -0.03 35.47 2.49
CA GLU B 214 0.10 35.41 1.00
C GLU B 214 0.04 33.95 0.54
N PRO B 215 -1.13 33.28 0.60
CA PRO B 215 -1.17 31.84 0.37
C PRO B 215 -0.64 31.45 -1.02
N THR B 216 -0.92 32.28 -2.04
CA THR B 216 -0.56 31.99 -3.45
C THR B 216 0.95 32.11 -3.64
N ARG B 217 1.67 32.71 -2.69
CA ARG B 217 3.15 32.86 -2.76
C ARG B 217 3.88 31.90 -1.80
N ALA B 218 3.16 31.11 -0.98
CA ALA B 218 3.77 30.26 0.07
C ALA B 218 4.66 29.20 -0.58
N SER B 219 4.16 28.49 -1.60
CA SER B 219 4.86 27.39 -2.31
C SER B 219 5.81 28.02 -3.33
N ARG B 220 7.13 28.01 -3.03
CA ARG B 220 8.17 28.71 -3.83
C ARG B 220 9.42 27.83 -3.88
N PRO B 221 9.37 26.69 -4.61
CA PRO B 221 10.49 25.75 -4.57
C PRO B 221 11.79 26.39 -5.04
N TRP B 222 12.86 26.18 -4.28
CA TRP B 222 14.26 26.62 -4.57
C TRP B 222 14.39 28.13 -4.40
N ASP B 223 13.34 28.81 -3.94
CA ASP B 223 13.42 30.26 -3.60
C ASP B 223 14.05 30.41 -2.21
N ARG B 224 14.82 31.49 -2.03
CA ARG B 224 15.60 31.69 -0.77
C ARG B 224 14.67 31.86 0.44
N ASP B 225 13.39 32.24 0.26
CA ASP B 225 12.43 32.52 1.38
C ASP B 225 11.43 31.38 1.59
N ARG B 226 11.70 30.16 1.12
CA ARG B 226 10.78 29.01 1.30
C ARG B 226 10.79 28.59 2.78
N ASP B 227 9.63 28.16 3.28
CA ASP B 227 9.43 27.88 4.72
C ASP B 227 8.57 26.62 4.92
N GLY B 228 8.55 25.70 3.95
CA GLY B 228 7.82 24.43 4.07
C GLY B 228 6.83 24.29 2.93
N PHE B 229 6.23 23.11 2.82
CA PHE B 229 5.30 22.73 1.72
C PHE B 229 3.89 23.19 2.07
N VAL B 230 3.05 23.22 1.04
CA VAL B 230 1.62 23.62 1.10
C VAL B 230 0.79 22.37 0.88
N LEU B 231 -0.06 22.04 1.85
CA LEU B 231 -0.90 20.82 1.86
C LEU B 231 -2.08 20.99 0.88
N SER B 232 -2.22 20.05 -0.05
CA SER B 232 -3.25 20.12 -1.10
C SER B 232 -3.94 18.76 -1.24
N ASP B 233 -5.10 18.79 -1.90
CA ASP B 233 -6.02 17.63 -2.06
C ASP B 233 -6.16 17.35 -3.57
N GLY B 234 -6.57 16.13 -3.90
CA GLY B 234 -6.97 15.76 -5.26
C GLY B 234 -6.54 14.36 -5.59
N SER B 235 -6.36 14.09 -6.88
CA SER B 235 -6.21 12.71 -7.41
C SER B 235 -5.67 12.74 -8.84
N GLY B 236 -4.99 11.68 -9.22
CA GLY B 236 -4.52 11.44 -10.59
C GLY B 236 -4.63 9.98 -10.89
N ALA B 237 -5.17 9.65 -12.04
CA ALA B 237 -5.18 8.27 -12.54
C ALA B 237 -4.76 8.28 -14.01
N LEU B 238 -3.97 7.26 -14.35
CA LEU B 238 -3.55 6.96 -15.73
CA LEU B 238 -3.50 6.94 -15.72
C LEU B 238 -4.07 5.58 -16.11
N VAL B 239 -4.41 5.41 -17.38
CA VAL B 239 -4.67 4.06 -17.94
C VAL B 239 -3.39 3.61 -18.62
N LEU B 240 -2.78 2.57 -18.06
CA LEU B 240 -1.56 1.95 -18.62
CA LEU B 240 -1.55 1.94 -18.59
C LEU B 240 -2.01 0.75 -19.43
N GLU B 241 -1.39 0.56 -20.58
CA GLU B 241 -1.82 -0.44 -21.59
C GLU B 241 -0.56 -1.00 -22.25
N GLU B 242 -0.47 -2.32 -22.38
CA GLU B 242 0.51 -2.93 -23.32
C GLU B 242 0.35 -2.25 -24.68
N LEU B 243 1.48 -1.93 -25.33
CA LEU B 243 1.55 -1.20 -26.63
C LEU B 243 0.64 -1.86 -27.69
N GLU B 244 0.79 -3.14 -27.94
CA GLU B 244 0.06 -3.84 -29.05
C GLU B 244 -1.44 -3.95 -28.75
N HIS B 245 -1.84 -4.14 -27.48
CA HIS B 245 -3.28 -4.03 -27.05
C HIS B 245 -3.81 -2.62 -27.41
N ALA B 246 -3.03 -1.55 -27.19
CA ALA B 246 -3.46 -0.15 -27.47
C ALA B 246 -3.65 0.02 -28.98
N ARG B 247 -2.63 -0.32 -29.75
CA ARG B 247 -2.61 -0.25 -31.24
C ARG B 247 -3.74 -1.12 -31.84
N ALA B 248 -4.01 -2.29 -31.25
CA ALA B 248 -5.02 -3.25 -31.77
C ALA B 248 -6.42 -2.62 -31.76
N ARG B 249 -6.75 -1.85 -30.73
CA ARG B 249 -8.12 -1.26 -30.56
C ARG B 249 -8.12 0.19 -31.07
N GLY B 250 -7.03 0.66 -31.69
CA GLY B 250 -6.94 2.03 -32.22
C GLY B 250 -6.87 3.12 -31.13
N ALA B 251 -6.31 2.81 -29.96
CA ALA B 251 -6.21 3.78 -28.83
C ALA B 251 -5.27 4.93 -29.21
N ARG B 252 -5.69 6.17 -28.98
CA ARG B 252 -4.79 7.35 -28.89
C ARG B 252 -3.79 7.11 -27.75
N ILE B 253 -2.50 7.28 -28.02
CA ILE B 253 -1.37 7.01 -27.08
C ILE B 253 -0.70 8.33 -26.73
N TYR B 254 -0.48 8.61 -25.44
CA TYR B 254 0.03 9.93 -24.98
C TYR B 254 1.56 9.90 -24.95
N ALA B 255 2.12 8.75 -24.57
CA ALA B 255 3.54 8.60 -24.22
C ALA B 255 3.76 7.14 -23.87
N GLU B 256 5.03 6.73 -23.93
CA GLU B 256 5.51 5.44 -23.41
C GLU B 256 6.18 5.65 -22.05
N LEU B 257 5.79 4.81 -21.10
CA LEU B 257 6.43 4.67 -19.77
CA LEU B 257 6.43 4.67 -19.77
C LEU B 257 7.56 3.65 -19.90
N VAL B 258 8.80 4.14 -19.99
CA VAL B 258 10.01 3.32 -20.35
C VAL B 258 10.80 2.93 -19.10
N GLY B 259 10.78 3.74 -18.05
CA GLY B 259 11.66 3.55 -16.89
C GLY B 259 10.95 3.75 -15.56
N PHE B 260 11.25 2.87 -14.61
CA PHE B 260 10.80 2.96 -13.21
C PHE B 260 11.98 2.64 -12.29
N GLY B 261 12.26 3.55 -11.37
CA GLY B 261 13.21 3.43 -10.26
C GLY B 261 12.48 3.53 -8.94
N MET B 262 12.76 2.58 -8.05
CA MET B 262 12.59 2.73 -6.61
C MET B 262 13.98 2.55 -5.99
N SER B 263 14.14 3.00 -4.77
CA SER B 263 15.36 2.87 -3.95
C SER B 263 15.03 3.60 -2.66
N GLY B 264 15.24 2.95 -1.52
CA GLY B 264 15.30 3.60 -0.19
C GLY B 264 16.63 4.31 0.02
N ASP B 265 16.58 5.49 0.66
CA ASP B 265 17.71 6.31 1.17
C ASP B 265 18.39 5.59 2.34
N ALA B 266 17.58 5.00 3.23
CA ALA B 266 18.00 4.46 4.53
C ALA B 266 18.67 5.56 5.37
N PHE B 267 18.18 6.79 5.32
CA PHE B 267 18.90 7.96 5.89
C PHE B 267 18.22 8.42 7.18
N HIS B 268 16.97 8.86 7.08
CA HIS B 268 16.21 9.50 8.18
C HIS B 268 14.71 9.40 7.88
N MET B 269 13.90 9.43 8.93
CA MET B 269 12.43 9.24 8.83
C MET B 269 11.80 10.40 8.02
N THR B 270 12.27 11.63 8.20
CA THR B 270 11.53 12.83 7.73
C THR B 270 12.44 13.86 7.06
N ALA B 271 13.73 13.57 6.84
CA ALA B 271 14.65 14.48 6.13
C ALA B 271 15.46 13.71 5.10
N PRO B 272 15.71 14.32 3.91
CA PRO B 272 16.53 13.69 2.88
C PRO B 272 18.00 13.92 3.16
N PRO B 273 18.93 13.08 2.64
CA PRO B 273 20.35 13.42 2.64
C PRO B 273 20.57 14.70 1.79
N GLU B 274 21.32 15.66 2.34
CA GLU B 274 21.61 16.98 1.70
C GLU B 274 22.30 16.80 0.33
N ASP B 275 23.05 15.71 0.16
CA ASP B 275 23.81 15.40 -1.07
C ASP B 275 22.90 14.76 -2.15
N GLY B 276 21.64 14.46 -1.83
CA GLY B 276 20.66 13.88 -2.78
C GLY B 276 20.98 12.45 -3.19
N ALA B 277 21.66 11.67 -2.36
CA ALA B 277 22.15 10.34 -2.74
C ALA B 277 20.95 9.45 -3.11
N GLY B 278 19.84 9.61 -2.38
CA GLY B 278 18.59 8.83 -2.58
C GLY B 278 17.96 9.05 -3.93
N ALA B 279 17.57 10.28 -4.23
CA ALA B 279 17.07 10.70 -5.56
C ALA B 279 18.05 10.25 -6.64
N ALA B 280 19.35 10.42 -6.41
CA ALA B 280 20.43 10.05 -7.37
C ALA B 280 20.34 8.57 -7.72
N ARG B 281 20.35 7.68 -6.73
CA ARG B 281 20.34 6.23 -6.99
C ARG B 281 19.09 5.90 -7.79
N CYS B 282 17.98 6.48 -7.37
CA CYS B 282 16.65 6.20 -7.91
C CYS B 282 16.57 6.63 -9.39
N MET B 283 17.02 7.83 -9.72
CA MET B 283 17.01 8.31 -11.12
C MET B 283 17.91 7.42 -11.97
N LYS B 284 19.10 7.09 -11.47
CA LYS B 284 20.04 6.18 -12.20
C LYS B 284 19.38 4.83 -12.47
N ASN B 285 18.75 4.19 -11.47
CA ASN B 285 18.01 2.91 -11.63
C ASN B 285 16.92 3.05 -12.69
N ALA B 286 16.16 4.15 -12.67
CA ALA B 286 15.07 4.41 -13.64
C ALA B 286 15.66 4.53 -15.07
N LEU B 287 16.81 5.17 -15.20
CA LEU B 287 17.46 5.39 -16.51
C LEU B 287 18.01 4.06 -17.01
N ARG B 288 18.70 3.31 -16.15
CA ARG B 288 19.17 1.93 -16.46
C ARG B 288 17.98 1.10 -16.92
N ASP B 289 16.88 1.15 -16.15
CA ASP B 289 15.62 0.43 -16.46
C ASP B 289 15.17 0.78 -17.90
N ALA B 290 15.22 2.06 -18.30
CA ALA B 290 14.76 2.54 -19.62
C ALA B 290 15.79 2.25 -20.74
N GLY B 291 17.00 1.80 -20.41
CA GLY B 291 18.11 1.71 -21.38
C GLY B 291 18.54 3.07 -21.93
N LEU B 292 18.40 4.15 -21.15
CA LEU B 292 18.65 5.54 -21.63
C LEU B 292 19.85 6.16 -20.93
N ASP B 293 20.73 6.79 -21.71
CA ASP B 293 21.83 7.65 -21.23
C ASP B 293 21.23 8.90 -20.58
N PRO B 294 21.74 9.33 -19.41
CA PRO B 294 21.25 10.55 -18.75
C PRO B 294 21.11 11.78 -19.66
N ARG B 295 21.93 11.89 -20.71
CA ARG B 295 21.95 13.04 -21.62
C ARG B 295 20.71 13.05 -22.52
N GLN B 296 19.88 12.03 -22.51
CA GLN B 296 18.66 11.99 -23.38
C GLN B 296 17.47 12.64 -22.65
N VAL B 297 17.57 12.88 -21.34
CA VAL B 297 16.49 13.50 -20.52
C VAL B 297 16.42 15.01 -20.83
N ASP B 298 15.25 15.51 -21.23
CA ASP B 298 15.02 16.93 -21.62
C ASP B 298 14.30 17.73 -20.51
N TYR B 299 13.43 17.07 -19.72
CA TYR B 299 12.56 17.73 -18.73
C TYR B 299 12.45 16.87 -17.46
N ILE B 300 12.63 17.49 -16.30
CA ILE B 300 12.37 16.83 -14.99
C ILE B 300 11.26 17.59 -14.28
N ASN B 301 10.16 16.90 -13.99
CA ASN B 301 9.16 17.38 -13.00
C ASN B 301 9.68 16.97 -11.62
N ALA B 302 10.31 17.92 -10.93
CA ALA B 302 10.93 17.73 -9.60
C ALA B 302 9.86 17.33 -8.58
N HIS B 303 10.27 16.68 -7.51
CA HIS B 303 9.42 16.58 -6.30
C HIS B 303 9.18 18.01 -5.76
N GLY B 304 10.25 18.78 -5.54
CA GLY B 304 10.23 20.25 -5.34
C GLY B 304 9.13 20.73 -4.40
N THR B 305 9.19 20.30 -3.14
CA THR B 305 8.07 20.47 -2.18
C THR B 305 8.04 21.89 -1.61
N SER B 306 9.16 22.63 -1.68
CA SER B 306 9.35 24.00 -1.13
C SER B 306 9.80 23.96 0.34
N THR B 307 10.37 22.83 0.77
CA THR B 307 11.04 22.71 2.09
C THR B 307 12.49 23.17 1.91
N PRO B 308 13.14 23.76 2.94
CA PRO B 308 14.56 24.06 2.85
C PRO B 308 15.48 22.89 2.42
N ALA B 309 15.37 21.72 3.07
CA ALA B 309 16.32 20.60 2.83
C ALA B 309 15.93 19.84 1.55
N GLY B 310 14.63 19.66 1.27
CA GLY B 310 14.17 18.85 0.13
C GLY B 310 14.59 19.48 -1.19
N ASP B 311 14.42 20.79 -1.34
CA ASP B 311 14.63 21.45 -2.66
C ASP B 311 16.10 21.33 -3.05
N ILE B 312 16.99 21.61 -2.12
CA ILE B 312 18.46 21.65 -2.34
C ILE B 312 18.99 20.22 -2.55
N ALA B 313 18.49 19.23 -1.80
CA ALA B 313 18.85 17.80 -1.97
C ALA B 313 18.56 17.37 -3.41
N GLU B 314 17.45 17.84 -3.99
CA GLU B 314 17.05 17.48 -5.36
C GLU B 314 18.01 18.12 -6.36
N ILE B 315 18.41 19.37 -6.15
CA ILE B 315 19.40 20.03 -7.05
C ILE B 315 20.69 19.20 -7.02
N ALA B 316 21.16 18.81 -5.84
CA ALA B 316 22.41 18.01 -5.69
C ALA B 316 22.26 16.69 -6.47
N ALA B 317 21.12 16.03 -6.34
CA ALA B 317 20.85 14.70 -6.96
C ALA B 317 21.00 14.82 -8.47
N VAL B 318 20.39 15.86 -9.02
CA VAL B 318 20.34 16.11 -10.49
C VAL B 318 21.74 16.41 -10.98
N LYS B 319 22.50 17.22 -10.25
CA LYS B 319 23.89 17.61 -10.63
C LYS B 319 24.76 16.34 -10.70
N SER B 320 24.55 15.43 -9.73
CA SER B 320 25.30 14.14 -9.64
CA SER B 320 25.30 14.15 -9.65
C SER B 320 24.96 13.26 -10.85
N VAL B 321 23.67 13.04 -11.11
CA VAL B 321 23.23 12.08 -12.16
C VAL B 321 23.60 12.61 -13.54
N PHE B 322 23.43 13.90 -13.78
CA PHE B 322 23.39 14.47 -15.15
C PHE B 322 24.67 15.23 -15.49
N GLY B 323 25.56 15.49 -14.52
CA GLY B 323 26.78 16.28 -14.73
C GLY B 323 26.47 17.54 -15.53
N GLU B 324 27.19 17.78 -16.63
CA GLU B 324 27.03 19.00 -17.46
C GLU B 324 25.63 19.05 -18.07
N HIS B 325 24.99 17.91 -18.32
CA HIS B 325 23.66 17.86 -19.00
C HIS B 325 22.62 18.58 -18.13
N ALA B 326 22.84 18.62 -16.81
CA ALA B 326 22.00 19.31 -15.80
C ALA B 326 21.67 20.74 -16.24
N HIS B 327 22.56 21.38 -17.00
CA HIS B 327 22.43 22.80 -17.45
C HIS B 327 21.78 22.85 -18.84
N ALA B 328 21.43 21.69 -19.41
CA ALA B 328 20.80 21.56 -20.75
C ALA B 328 19.32 21.18 -20.59
N LEU B 329 19.01 20.30 -19.64
CA LEU B 329 17.60 19.94 -19.34
C LEU B 329 16.91 21.11 -18.61
N SER B 330 15.59 21.08 -18.61
CA SER B 330 14.74 21.93 -17.75
C SER B 330 14.16 21.08 -16.61
N MET B 331 14.10 21.65 -15.42
CA MET B 331 13.48 21.06 -14.21
C MET B 331 12.53 22.10 -13.61
N SER B 332 11.31 21.72 -13.26
CA SER B 332 10.37 22.62 -12.54
C SER B 332 9.54 21.84 -11.53
N SER B 333 8.95 22.58 -10.60
CA SER B 333 8.00 22.07 -9.60
C SER B 333 6.63 22.66 -9.89
N THR B 334 5.69 21.82 -10.28
CA THR B 334 4.28 22.21 -10.44
C THR B 334 3.66 22.34 -9.06
N LYS B 335 4.38 21.95 -8.00
CA LYS B 335 3.88 22.16 -6.62
C LYS B 335 3.87 23.67 -6.32
N SER B 336 4.63 24.46 -7.07
CA SER B 336 4.60 25.95 -6.98
C SER B 336 3.17 26.46 -7.23
N MET B 337 2.40 25.77 -8.08
CA MET B 337 0.99 26.11 -8.39
C MET B 337 -0.03 25.22 -7.66
N THR B 338 0.20 23.91 -7.57
CA THR B 338 -0.82 22.92 -7.09
C THR B 338 -0.72 22.75 -5.56
N GLY B 339 0.41 23.13 -4.98
CA GLY B 339 0.80 22.65 -3.65
C GLY B 339 1.10 21.16 -3.70
N HIS B 340 1.15 20.53 -2.54
CA HIS B 340 1.69 19.15 -2.35
C HIS B 340 0.53 18.21 -2.09
N LEU B 341 0.11 17.43 -3.09
CA LEU B 341 -1.05 16.50 -2.99
C LEU B 341 -0.61 15.19 -2.32
N LEU B 342 0.57 15.19 -1.70
CA LEU B 342 1.16 14.07 -0.90
C LEU B 342 1.19 12.79 -1.76
N GLY B 343 0.34 11.79 -1.45
CA GLY B 343 0.35 10.47 -2.11
C GLY B 343 -0.24 10.52 -3.51
N ALA B 344 -0.97 11.59 -3.82
CA ALA B 344 -1.48 11.91 -5.16
C ALA B 344 -0.47 12.77 -5.95
N ALA B 345 0.58 13.29 -5.31
CA ALA B 345 1.50 14.26 -5.96
C ALA B 345 2.16 13.60 -7.19
N GLY B 346 2.64 12.37 -7.03
CA GLY B 346 3.31 11.65 -8.14
C GLY B 346 2.36 11.28 -9.26
N ALA B 347 1.08 11.12 -8.96
CA ALA B 347 0.05 10.77 -9.95
C ALA B 347 -0.21 11.99 -10.83
N VAL B 348 -0.50 13.15 -10.23
CA VAL B 348 -0.84 14.38 -11.03
C VAL B 348 0.43 14.85 -11.79
N GLU B 349 1.61 14.66 -11.21
CA GLU B 349 2.92 15.09 -11.80
C GLU B 349 3.36 14.13 -12.92
N ALA B 350 3.05 12.84 -12.84
CA ALA B 350 3.11 11.92 -14.02
C ALA B 350 2.27 12.51 -15.17
N ILE B 351 1.02 12.89 -14.89
CA ILE B 351 0.12 13.44 -15.94
C ILE B 351 0.81 14.69 -16.52
N PHE B 352 1.33 15.59 -15.69
CA PHE B 352 1.92 16.86 -16.18
C PHE B 352 3.19 16.56 -16.99
N SER B 353 3.95 15.54 -16.60
CA SER B 353 5.15 15.05 -17.32
C SER B 353 4.73 14.53 -18.70
N VAL B 354 3.61 13.82 -18.76
CA VAL B 354 3.09 13.25 -20.04
C VAL B 354 2.62 14.41 -20.95
N LEU B 355 1.95 15.42 -20.40
CA LEU B 355 1.45 16.57 -21.20
C LEU B 355 2.58 17.51 -21.64
N ALA B 356 3.69 17.55 -20.90
CA ALA B 356 4.91 18.28 -21.30
C ALA B 356 5.43 17.66 -22.59
N LEU B 357 5.33 16.33 -22.71
CA LEU B 357 5.74 15.58 -23.92
C LEU B 357 4.76 15.87 -25.05
N ARG B 358 3.46 15.73 -24.79
CA ARG B 358 2.42 15.97 -25.82
C ARG B 358 2.58 17.40 -26.35
N ASP B 359 2.82 18.38 -25.48
CA ASP B 359 2.69 19.80 -25.87
C ASP B 359 4.04 20.48 -26.05
N GLN B 360 5.16 19.79 -25.79
CA GLN B 360 6.53 20.33 -26.01
C GLN B 360 6.68 21.65 -25.25
N VAL B 361 6.42 21.61 -23.95
CA VAL B 361 6.44 22.82 -23.08
C VAL B 361 6.78 22.39 -21.66
N ALA B 362 7.83 22.98 -21.07
CA ALA B 362 8.15 22.86 -19.63
C ALA B 362 7.23 23.76 -18.82
N PRO B 363 6.41 23.17 -17.92
CA PRO B 363 5.60 23.94 -16.97
C PRO B 363 6.50 24.82 -16.11
N PRO B 364 6.02 25.97 -15.62
CA PRO B 364 6.84 26.82 -14.75
C PRO B 364 6.92 26.36 -13.30
N THR B 365 7.96 26.85 -12.63
CA THR B 365 8.02 27.04 -11.16
C THR B 365 7.65 28.49 -10.85
N ILE B 366 6.41 28.77 -10.43
CA ILE B 366 6.03 30.17 -10.07
C ILE B 366 6.67 30.49 -8.72
N ASN B 367 6.74 31.77 -8.38
CA ASN B 367 7.23 32.30 -7.07
C ASN B 367 8.74 32.08 -6.94
N LEU B 368 9.44 31.70 -8.02
CA LEU B 368 10.92 31.51 -7.98
C LEU B 368 11.59 32.88 -8.23
N ASP B 369 11.53 33.76 -7.23
CA ASP B 369 11.88 35.21 -7.34
C ASP B 369 13.37 35.36 -7.06
N ASN B 370 13.89 34.68 -6.03
CA ASN B 370 15.32 34.71 -5.62
C ASN B 370 15.82 33.28 -5.42
N PRO B 371 16.28 32.61 -6.49
CA PRO B 371 16.84 31.26 -6.37
C PRO B 371 17.90 31.24 -5.27
N ASP B 372 17.95 30.15 -4.51
CA ASP B 372 18.87 30.02 -3.36
C ASP B 372 20.24 29.62 -3.90
N GLU B 373 21.27 29.76 -3.09
CA GLU B 373 22.65 29.21 -3.34
C GLU B 373 22.57 27.81 -3.94
N GLY B 374 23.25 27.59 -5.06
CA GLY B 374 23.40 26.28 -5.72
C GLY B 374 22.26 25.99 -6.68
N CYS B 375 21.20 26.80 -6.69
CA CYS B 375 19.99 26.54 -7.52
C CYS B 375 20.13 27.25 -8.88
N ASP B 376 21.19 26.94 -9.65
CA ASP B 376 21.59 27.70 -10.87
C ASP B 376 21.21 26.92 -12.14
N LEU B 377 20.41 25.88 -12.02
CA LEU B 377 19.86 25.12 -13.16
C LEU B 377 18.77 25.95 -13.85
N ASP B 378 18.32 25.48 -15.01
CA ASP B 378 17.11 26.03 -15.66
C ASP B 378 15.88 25.48 -14.91
N LEU B 379 15.36 26.24 -13.95
CA LEU B 379 14.21 25.85 -13.10
C LEU B 379 12.89 26.44 -13.64
N VAL B 380 12.91 27.01 -14.85
CA VAL B 380 11.72 27.54 -15.61
C VAL B 380 10.93 28.52 -14.74
N ALA B 381 11.59 29.50 -14.14
CA ALA B 381 10.96 30.48 -13.22
C ALA B 381 9.82 31.22 -13.94
N HIS B 382 8.66 31.35 -13.28
CA HIS B 382 7.54 32.30 -13.57
C HIS B 382 6.67 31.88 -14.76
N GLU B 383 7.28 31.49 -15.89
CA GLU B 383 6.56 31.30 -17.18
C GLU B 383 6.88 29.94 -17.82
N ALA B 384 5.85 29.30 -18.34
CA ALA B 384 5.90 28.12 -19.25
C ALA B 384 6.95 28.36 -20.33
N LYS B 385 7.79 27.37 -20.60
CA LYS B 385 8.87 27.46 -21.62
C LYS B 385 8.61 26.42 -22.70
N PRO B 386 8.18 26.82 -23.92
CA PRO B 386 8.15 25.91 -25.06
C PRO B 386 9.58 25.40 -25.34
N ARG B 387 9.76 24.09 -25.43
CA ARG B 387 11.05 23.49 -25.83
C ARG B 387 10.82 22.08 -26.38
N LYS B 388 11.90 21.50 -26.91
CA LYS B 388 11.88 20.11 -27.37
C LYS B 388 11.95 19.19 -26.14
N ILE B 389 11.03 18.27 -26.03
CA ILE B 389 11.01 17.26 -24.93
C ILE B 389 10.72 15.91 -25.56
N ASP B 390 11.72 15.04 -25.61
CA ASP B 390 11.55 13.64 -26.10
C ASP B 390 11.46 12.70 -24.89
N VAL B 391 12.13 13.06 -23.78
CA VAL B 391 12.21 12.25 -22.53
C VAL B 391 11.91 13.16 -21.35
N ALA B 392 10.86 12.84 -20.58
CA ALA B 392 10.46 13.52 -19.32
C ALA B 392 10.65 12.53 -18.16
N LEU B 393 11.17 13.04 -17.05
CA LEU B 393 11.40 12.27 -15.81
C LEU B 393 10.52 12.88 -14.71
N SER B 394 9.86 12.08 -13.88
CA SER B 394 9.07 12.59 -12.73
C SER B 394 9.63 11.98 -11.45
N ASN B 395 10.06 12.81 -10.50
CA ASN B 395 10.67 12.39 -9.22
C ASN B 395 9.70 12.58 -8.05
N SER B 396 9.73 11.63 -7.13
CA SER B 396 9.02 11.69 -5.83
C SER B 396 9.94 11.09 -4.75
N PHE B 397 9.96 11.68 -3.57
CA PHE B 397 10.59 11.06 -2.39
CA PHE B 397 10.63 11.13 -2.36
C PHE B 397 9.63 11.29 -1.22
N GLY B 398 9.75 10.44 -0.19
CA GLY B 398 8.78 10.44 0.92
C GLY B 398 9.40 10.07 2.25
N PHE B 399 8.65 10.36 3.31
CA PHE B 399 8.94 9.93 4.69
C PHE B 399 9.41 8.47 4.69
N GLY B 400 10.44 8.18 5.50
CA GLY B 400 11.08 6.84 5.57
C GLY B 400 12.11 6.62 4.49
N GLY B 401 12.51 7.67 3.74
CA GLY B 401 13.58 7.62 2.73
C GLY B 401 13.16 6.85 1.50
N THR B 402 11.87 6.85 1.21
CA THR B 402 11.28 6.18 0.03
C THR B 402 11.50 7.10 -1.17
N ASN B 403 11.87 6.54 -2.32
CA ASN B 403 12.13 7.31 -3.58
C ASN B 403 11.46 6.57 -4.75
N GLY B 404 10.93 7.32 -5.71
CA GLY B 404 10.33 6.83 -6.96
C GLY B 404 10.69 7.76 -8.11
N THR B 405 11.04 7.19 -9.25
CA THR B 405 11.32 7.96 -10.51
C THR B 405 10.58 7.26 -11.66
N LEU B 406 9.84 8.01 -12.46
CA LEU B 406 9.22 7.50 -13.70
C LEU B 406 9.90 8.19 -14.88
N VAL B 407 10.20 7.44 -15.94
CA VAL B 407 10.76 7.94 -17.23
C VAL B 407 9.73 7.67 -18.30
N PHE B 408 9.28 8.74 -18.96
CA PHE B 408 8.32 8.77 -20.09
C PHE B 408 9.05 9.28 -21.33
N ARG B 409 8.70 8.73 -22.50
CA ARG B 409 9.28 9.09 -23.82
C ARG B 409 8.12 9.41 -24.77
N ARG B 410 8.42 10.35 -25.67
CA ARG B 410 7.52 10.65 -26.81
C ARG B 410 7.67 9.46 -27.75
N PHE B 411 6.72 9.26 -28.64
CA PHE B 411 6.64 7.99 -29.38
C PHE B 411 5.79 8.23 -30.64
N ALA B 412 6.44 8.28 -31.80
CA ALA B 412 5.80 8.48 -33.12
C ALA B 412 6.70 7.91 -34.24
S DMS C . 24.54 -1.49 8.47
O DMS C . 24.91 -1.44 7.01
C1 DMS C . 26.06 -1.85 9.35
C2 DMS C . 23.69 -3.01 8.75
S DMS D . 22.95 -7.11 10.06
O DMS D . 23.68 -7.14 8.76
C1 DMS D . 21.32 -7.72 9.75
C2 DMS D . 22.49 -5.41 10.33
S DMS E . -26.14 -30.94 14.24
O DMS E . -26.02 -29.50 13.89
C1 DMS E . -24.65 -31.74 13.67
C2 DMS E . -27.24 -31.65 13.04
S DMS F . -8.74 -4.52 7.71
O DMS F . -7.48 -5.00 7.05
C1 DMS F . -9.68 -3.68 6.46
C2 DMS F . -8.26 -3.09 8.68
S DMS G . 15.08 -25.61 8.66
O DMS G . 14.17 -25.00 7.64
C1 DMS G . 14.64 -27.33 8.76
C2 DMS G . 14.52 -25.07 10.25
S DMS H . -2.28 -4.30 24.64
O DMS H . -3.25 -4.66 23.55
C1 DMS H . -1.34 -2.93 24.02
C2 DMS H . -1.00 -5.53 24.56
S DMS I . 3.38 4.11 21.77
O DMS I . 2.52 5.20 21.19
C1 DMS I . 2.26 2.81 22.24
C2 DMS I . 3.87 4.65 23.39
S DMS J . -0.32 12.78 22.13
O DMS J . -1.38 11.81 21.69
C1 DMS J . 1.24 12.02 21.78
C2 DMS J . -0.23 12.65 23.90
S DMS K . -20.38 -0.94 19.22
O DMS K . -19.82 -2.29 19.52
C1 DMS K . -21.85 -0.78 20.21
C2 DMS K . -21.19 -1.09 17.65
S DMS L . -12.54 -35.96 3.68
O DMS L . -13.53 -35.27 2.77
C1 DMS L . -12.48 -37.66 3.17
C2 DMS L . -13.41 -36.20 5.21
S DMS M . -16.54 -32.06 -5.02
O DMS M . -15.50 -32.11 -3.92
C1 DMS M . -18.11 -31.98 -4.18
C2 DMS M . -16.68 -33.70 -5.65
C1 N32 N . -21.86 -7.14 5.65
O19 N32 N . -20.89 -13.06 6.87
O20 N32 N . -17.02 -12.31 5.11
N28 N32 N . -16.71 -10.23 4.32
C11 N32 N . -17.49 -11.24 4.77
C2 N32 N . -18.96 -10.95 4.93
C3 N32 N . -19.27 -10.84 6.43
C4 N32 N . -20.75 -10.65 6.83
C5 N32 N . -21.49 -11.98 6.79
C6 N32 N . -22.94 -11.95 6.68
C7 N32 N . -23.63 -10.83 6.25
C8 N32 N . -22.96 -9.47 6.03
C9 N32 N . -21.41 -9.62 5.89
C10 N32 N . -20.79 -8.20 5.93
C14 N32 N . -23.46 -8.82 4.73
C15 N32 N . -22.66 -7.58 4.45
C17 N32 N . -22.63 -6.96 3.26
C18 N32 N . -20.73 -10.25 8.32
C28 N32 N . -23.34 -8.49 7.16
C29 N32 N . -22.81 -7.08 6.85
O30 N32 N . -15.52 -9.99 1.81
O31 N32 N . -15.12 -10.57 6.52
O32 N32 N . -10.97 -10.83 6.11
O33 N32 N . -12.70 -10.61 7.49
C21 N32 N . -12.20 -10.68 6.33
C22 N32 N . -13.10 -10.51 5.16
C23 N32 N . -14.50 -10.46 5.30
C24 N32 N . -15.29 -10.26 4.16
C25 N32 N . -14.73 -10.15 2.90
C26 N32 N . -13.34 -10.20 2.75
C27 N32 N . -12.55 -10.37 3.87
S DMS O . 2.92 9.34 18.32
O DMS O . 1.71 10.22 18.35
C1 DMS O . 4.30 10.34 18.75
C2 DMS O . 3.31 9.10 16.63
S DMS P . -0.92 29.73 15.48
O DMS P . -0.45 28.60 16.37
C1 DMS P . 0.43 30.85 15.28
C2 DMS P . -1.99 30.73 16.46
S DMS Q . -18.60 11.49 2.99
O DMS Q . -18.06 10.95 4.29
C1 DMS Q . -17.37 12.63 2.42
C2 DMS Q . -19.85 12.67 3.40
S DMS R . -18.66 6.76 6.61
O DMS R . -17.68 6.69 7.75
C1 DMS R . -17.85 7.65 5.32
C2 DMS R . -19.82 8.04 7.05
S DMS S . -0.62 23.41 15.07
O DMS S . -0.96 24.13 13.83
C1 DMS S . -0.16 24.64 16.26
C2 DMS S . 0.97 22.69 14.85
S DMS T . 8.03 -0.97 -17.41
O DMS T . 8.63 -1.99 -16.45
C1 DMS T . 8.62 -1.44 -19.02
C2 DMS T . 8.96 0.52 -17.22
S DMS U . -19.71 -8.10 -22.34
O DMS U . -18.98 -8.44 -21.08
C1 DMS U . -18.67 -8.68 -23.67
C2 DMS U . -19.51 -6.35 -22.59
S DMS V . -16.76 0.17 -20.04
O DMS V . -16.17 -0.82 -20.98
C1 DMS V . -16.91 1.67 -20.97
C2 DMS V . -15.44 0.69 -18.95
S DMS W . -18.90 7.50 -13.71
O DMS W . -18.26 7.40 -15.06
C1 DMS W . -19.00 5.82 -13.09
C2 DMS W . -20.63 7.72 -14.01
S DMS X . -2.76 17.17 -29.98
O DMS X . -1.58 16.34 -29.55
C1 DMS X . -2.10 18.61 -30.81
C2 DMS X . -3.31 17.99 -28.50
S DMS Y . -4.93 -14.39 -15.70
O DMS Y . -5.32 -13.71 -16.97
C1 DMS Y . -4.22 -13.14 -14.65
C2 DMS Y . -3.43 -15.27 -16.06
S DMS Z . -9.08 -7.89 -25.72
O DMS Z . -8.71 -7.61 -27.14
C1 DMS Z . -7.80 -8.97 -25.09
C2 DMS Z . -10.40 -9.08 -25.78
S DMS AA . 16.75 13.08 -1.26
O DMS AA . 17.80 12.35 -2.06
C1 DMS AA . 15.93 14.23 -2.34
C2 DMS AA . 15.40 11.92 -1.06
S DMS BA . 9.79 14.76 13.13
O DMS BA . 9.99 15.58 11.88
C1 DMS BA . 9.89 15.91 14.48
C2 DMS BA . 11.34 13.95 13.41
S DMS CA . -21.21 -3.31 5.78
O DMS CA . -20.18 -2.23 5.97
C1 DMS CA . -21.94 -3.02 4.18
C2 DMS CA . -22.62 -2.85 6.76
C1 N32 DA . 12.07 18.00 10.40
O19 N32 DA . 13.21 21.19 5.35
O20 N32 DA . 12.08 17.98 3.11
N28 N32 DA . 11.35 16.23 4.34
C11 N32 DA . 11.97 17.42 4.19
C2 N32 DA . 12.53 18.06 5.43
C3 N32 DA . 11.55 19.08 5.99
C4 N32 DA . 12.12 20.00 7.10
C5 N32 DA . 13.23 20.87 6.53
C6 N32 DA . 14.31 21.30 7.40
C7 N32 DA . 14.25 21.12 8.77
C8 N32 DA . 13.44 19.98 9.37
C9 N32 DA . 12.72 19.16 8.25
C10 N32 DA . 11.73 18.17 8.91
C14 N32 DA . 14.35 18.98 10.10
C15 N32 DA . 13.55 17.77 10.51
C17 N32 DA . 14.11 16.61 10.93
C18 N32 DA . 10.96 20.93 7.52
C28 N32 DA . 12.42 20.50 10.41
C29 N32 DA . 11.73 19.31 11.12
O30 N32 DA . 12.34 13.70 3.51
O31 N32 DA . 9.00 17.14 3.20
O32 N32 DA . 7.09 15.00 0.28
O33 N32 DA . 7.18 16.75 1.64
C21 N32 DA . 7.62 15.66 1.21
C22 N32 DA . 8.86 15.16 1.81
C23 N32 DA . 9.51 15.92 2.79
C24 N32 DA . 10.69 15.43 3.36
C25 N32 DA . 11.21 14.19 2.96
C26 N32 DA . 10.55 13.43 2.00
C27 N32 DA . 9.39 13.92 1.43
#